data_2ZCN
#
_entry.id   2ZCN
#
_cell.length_a   39.11
_cell.length_b   86.14
_cell.length_c   113.85
_cell.angle_alpha   90
_cell.angle_beta   99.15
_cell.angle_gamma   90
#
_symmetry.space_group_name_H-M   'P 1 21 1'
#
loop_
_entity.id
_entity.type
_entity.pdbx_description
1 polymer 'Biofilm operon icaABCD HTH-type negative transcriptional regulator icaR'
2 water water
#
_entity_poly.entity_id   1
_entity_poly.type   'polypeptide(L)'
_entity_poly.pdbx_seq_one_letter_code
;MHHHHHHMKDKIIDNAITLFSEKGYDGTTLDDISKSVNIKKASLYYHYDNKEEIYRKSVENCFNYFIDFLLRNHDDNYSI
DGLYQFLFKFIFDVDERYIKLYVQLSSAPEALNSEIKHHLQEINTTLHDELIKYYDPTHIALDKEDFINLILLFLETWYF
RASFSQKFGIIEDSKNRFKDQVYSLLNVFLKK
;
_entity_poly.pdbx_strand_id   A,B,C,D
#
# COMPACT_ATOMS: atom_id res chain seq x y z
N MET A 8 -59.04 8.60 6.05
CA MET A 8 -58.68 7.15 6.21
C MET A 8 -57.31 6.88 5.59
N LYS A 9 -56.98 7.64 4.56
CA LYS A 9 -55.69 7.45 3.90
C LYS A 9 -54.52 7.64 4.86
N ASP A 10 -54.59 8.68 5.68
CA ASP A 10 -53.51 8.92 6.62
C ASP A 10 -53.34 7.78 7.59
N LYS A 11 -54.45 7.21 8.03
CA LYS A 11 -54.35 6.09 8.99
C LYS A 11 -53.81 4.84 8.30
N ILE A 12 -54.21 4.62 7.05
CA ILE A 12 -53.72 3.46 6.31
C ILE A 12 -52.17 3.61 6.15
N ILE A 13 -51.73 4.78 5.73
CA ILE A 13 -50.29 4.97 5.54
C ILE A 13 -49.51 4.87 6.82
N ASP A 14 -49.97 5.52 7.89
CA ASP A 14 -49.26 5.44 9.13
C ASP A 14 -49.13 3.98 9.59
N ASN A 15 -50.19 3.19 9.45
CA ASN A 15 -50.09 1.81 9.89
C ASN A 15 -49.27 0.98 8.92
N ALA A 16 -49.34 1.34 7.64
CA ALA A 16 -48.56 0.60 6.63
C ALA A 16 -47.06 0.80 6.94
N ILE A 17 -46.70 2.03 7.24
CA ILE A 17 -45.29 2.33 7.56
C ILE A 17 -44.78 1.44 8.72
N THR A 18 -45.61 1.26 9.75
CA THR A 18 -45.21 0.39 10.85
C THR A 18 -45.02 -1.05 10.39
N LEU A 19 -45.95 -1.56 9.62
CA LEU A 19 -45.88 -2.92 9.12
C LEU A 19 -44.69 -3.11 8.17
N PHE A 20 -44.56 -2.23 7.17
CA PHE A 20 -43.42 -2.37 6.26
C PHE A 20 -42.08 -2.26 6.99
N SER A 21 -41.99 -1.38 8.00
CA SER A 21 -40.70 -1.23 8.65
C SER A 21 -40.33 -2.48 9.45
N GLU A 22 -41.35 -3.18 9.97
CA GLU A 22 -41.10 -4.37 10.77
C GLU A 22 -40.91 -5.63 9.97
N LYS A 23 -41.78 -5.82 8.98
CA LYS A 23 -41.77 -7.01 8.18
C LYS A 23 -41.14 -6.86 6.81
N GLY A 24 -41.01 -5.62 6.33
CA GLY A 24 -40.50 -5.39 5.00
C GLY A 24 -41.66 -5.53 4.03
N TYR A 25 -41.45 -5.06 2.81
CA TYR A 25 -42.45 -5.10 1.77
C TYR A 25 -43.06 -6.47 1.41
N ASP A 26 -42.23 -7.44 1.06
CA ASP A 26 -42.74 -8.75 0.68
C ASP A 26 -43.37 -9.48 1.85
N GLY A 27 -42.92 -9.22 3.07
CA GLY A 27 -43.48 -9.90 4.22
C GLY A 27 -44.78 -9.29 4.76
N THR A 28 -45.18 -8.14 4.24
CA THR A 28 -46.42 -7.49 4.70
C THR A 28 -47.53 -7.82 3.73
N THR A 29 -48.71 -8.13 4.23
CA THR A 29 -49.81 -8.44 3.33
C THR A 29 -50.91 -7.39 3.50
N LEU A 30 -51.77 -7.29 2.51
CA LEU A 30 -52.91 -6.38 2.59
C LEU A 30 -53.80 -6.77 3.79
N ASP A 31 -53.83 -8.06 4.13
CA ASP A 31 -54.64 -8.44 5.28
C ASP A 31 -54.01 -7.90 6.55
N ASP A 32 -52.68 -7.87 6.59
CA ASP A 32 -51.99 -7.33 7.78
C ASP A 32 -52.40 -5.88 7.89
N ILE A 33 -52.41 -5.20 6.76
CA ILE A 33 -52.68 -3.75 6.74
C ILE A 33 -54.14 -3.45 7.11
N SER A 34 -55.05 -4.13 6.44
CA SER A 34 -56.47 -3.87 6.75
C SER A 34 -56.74 -4.19 8.22
N LYS A 35 -56.17 -5.28 8.74
CA LYS A 35 -56.38 -5.63 10.13
C LYS A 35 -55.82 -4.56 11.09
N SER A 36 -54.63 -4.04 10.77
CA SER A 36 -54.05 -3.03 11.61
C SER A 36 -54.92 -1.77 11.60
N VAL A 37 -55.55 -1.41 10.48
CA VAL A 37 -56.33 -0.20 10.49
C VAL A 37 -57.85 -0.41 10.73
N ASN A 38 -58.24 -1.64 10.94
CA ASN A 38 -59.64 -1.94 11.21
C ASN A 38 -60.56 -1.56 10.11
N ILE A 39 -60.29 -2.07 8.92
CA ILE A 39 -61.15 -1.86 7.78
C ILE A 39 -61.14 -3.19 7.04
N LYS A 40 -62.11 -3.40 6.17
CA LYS A 40 -62.15 -4.60 5.36
C LYS A 40 -61.19 -4.28 4.20
N LYS A 41 -60.63 -5.29 3.55
CA LYS A 41 -59.77 -5.00 2.39
C LYS A 41 -60.49 -4.11 1.38
N ALA A 42 -61.79 -4.35 1.20
CA ALA A 42 -62.59 -3.58 0.26
C ALA A 42 -62.46 -2.08 0.46
N SER A 43 -62.26 -1.64 1.69
CA SER A 43 -62.12 -0.20 1.87
C SER A 43 -60.73 0.20 1.38
N LEU A 44 -59.82 -0.77 1.42
CA LEU A 44 -58.43 -0.54 1.01
C LEU A 44 -58.33 -0.33 -0.49
N TYR A 45 -59.00 -1.16 -1.29
CA TYR A 45 -58.98 -1.02 -2.75
C TYR A 45 -59.69 0.26 -3.20
N TYR A 46 -60.53 0.82 -2.34
CA TYR A 46 -61.20 2.06 -2.65
C TYR A 46 -60.15 3.17 -2.65
N HIS A 47 -59.12 3.01 -1.84
CA HIS A 47 -58.08 4.02 -1.71
C HIS A 47 -56.82 3.75 -2.54
N TYR A 48 -56.41 2.49 -2.64
CA TYR A 48 -55.21 2.15 -3.41
C TYR A 48 -55.52 0.93 -4.27
N ASP A 49 -54.89 0.78 -5.43
CA ASP A 49 -55.22 -0.38 -6.23
C ASP A 49 -54.49 -1.64 -5.84
N ASN A 50 -53.39 -1.50 -5.11
CA ASN A 50 -52.63 -2.69 -4.75
C ASN A 50 -51.57 -2.39 -3.67
N LYS A 51 -50.88 -3.42 -3.19
CA LYS A 51 -49.88 -3.18 -2.12
C LYS A 51 -48.74 -2.27 -2.56
N GLU A 52 -48.37 -2.34 -3.83
CA GLU A 52 -47.24 -1.54 -4.33
C GLU A 52 -47.56 -0.05 -4.25
N GLU A 53 -48.81 0.31 -4.53
CA GLU A 53 -49.23 1.72 -4.42
C GLU A 53 -49.22 2.16 -2.97
N ILE A 54 -49.57 1.26 -2.03
CA ILE A 54 -49.54 1.68 -0.63
C ILE A 54 -48.08 1.86 -0.17
N TYR A 55 -47.20 0.97 -0.62
CA TYR A 55 -45.78 1.05 -0.28
C TYR A 55 -45.25 2.37 -0.90
N ARG A 56 -45.62 2.64 -2.15
CA ARG A 56 -45.18 3.86 -2.81
C ARG A 56 -45.52 5.11 -2.01
N LYS A 57 -46.75 5.16 -1.51
CA LYS A 57 -47.16 6.31 -0.71
C LYS A 57 -46.43 6.33 0.64
N SER A 58 -46.15 5.15 1.19
CA SER A 58 -45.44 5.12 2.46
C SER A 58 -44.01 5.68 2.25
N VAL A 59 -43.40 5.34 1.11
CA VAL A 59 -42.07 5.82 0.80
C VAL A 59 -42.08 7.33 0.53
N GLU A 60 -43.09 7.84 -0.17
CA GLU A 60 -43.14 9.29 -0.39
C GLU A 60 -43.32 9.99 0.95
N ASN A 61 -44.14 9.42 1.82
CA ASN A 61 -44.35 9.98 3.18
C ASN A 61 -42.99 10.01 3.93
N CYS A 62 -42.24 8.93 3.79
CA CYS A 62 -40.93 8.83 4.41
C CYS A 62 -39.96 9.94 3.92
N PHE A 63 -39.84 10.12 2.62
CA PHE A 63 -38.93 11.17 2.13
C PHE A 63 -39.42 12.54 2.60
N ASN A 64 -40.73 12.78 2.57
CA ASN A 64 -41.23 14.07 3.04
C ASN A 64 -40.91 14.30 4.51
N TYR A 65 -40.99 13.24 5.31
CA TYR A 65 -40.69 13.31 6.74
C TYR A 65 -39.23 13.74 6.96
N PHE A 66 -38.31 13.14 6.21
CA PHE A 66 -36.92 13.49 6.36
C PHE A 66 -36.58 14.84 5.80
N ILE A 67 -37.18 15.22 4.69
CA ILE A 67 -36.91 16.54 4.12
C ILE A 67 -37.42 17.60 5.12
N ASP A 68 -38.65 17.43 5.58
CA ASP A 68 -39.22 18.38 6.53
C ASP A 68 -38.36 18.51 7.78
N PHE A 69 -37.85 17.38 8.26
CA PHE A 69 -36.97 17.36 9.43
C PHE A 69 -35.75 18.25 9.16
N LEU A 70 -35.24 18.20 7.93
CA LEU A 70 -34.06 18.99 7.55
C LEU A 70 -34.31 20.48 7.35
N LEU A 71 -35.40 20.81 6.65
CA LEU A 71 -35.70 22.21 6.41
C LEU A 71 -36.30 22.88 7.66
N ARG A 72 -37.01 22.10 8.47
CA ARG A 72 -37.67 22.57 9.67
C ARG A 72 -37.42 21.66 10.87
N ASP A 75 -34.48 24.38 15.37
CA ASP A 75 -33.73 25.55 15.82
C ASP A 75 -32.89 26.11 14.70
N ASP A 76 -33.09 27.39 14.40
CA ASP A 76 -32.35 28.04 13.33
C ASP A 76 -31.08 28.73 13.84
N ASN A 77 -30.24 27.94 14.50
CA ASN A 77 -28.95 28.36 15.02
C ASN A 77 -27.92 27.55 14.21
N TYR A 78 -27.02 28.23 13.49
CA TYR A 78 -26.04 27.52 12.67
C TYR A 78 -24.62 27.51 13.22
N SER A 79 -24.50 27.83 14.51
CA SER A 79 -23.21 27.81 15.18
C SER A 79 -22.78 26.37 15.41
N ILE A 80 -21.55 26.20 15.89
CA ILE A 80 -21.09 24.87 16.18
C ILE A 80 -22.02 24.25 17.21
N ASP A 81 -22.45 25.05 18.19
CA ASP A 81 -23.34 24.46 19.18
C ASP A 81 -24.63 24.04 18.52
N GLY A 82 -25.09 24.77 17.52
CA GLY A 82 -26.29 24.32 16.85
C GLY A 82 -26.00 23.01 16.09
N LEU A 83 -24.76 22.75 15.68
CA LEU A 83 -24.52 21.51 14.93
C LEU A 83 -24.62 20.31 15.84
N TYR A 84 -24.20 20.48 17.09
CA TYR A 84 -24.28 19.39 18.05
C TYR A 84 -25.75 19.12 18.31
N GLN A 85 -26.55 20.18 18.36
CA GLN A 85 -27.98 20.00 18.65
C GLN A 85 -28.74 19.33 17.47
N PHE A 86 -28.32 19.65 16.25
CA PHE A 86 -28.89 19.05 15.03
C PHE A 86 -28.63 17.54 15.12
N LEU A 87 -27.38 17.16 15.44
CA LEU A 87 -27.03 15.73 15.57
C LEU A 87 -27.81 15.03 16.69
N PHE A 88 -27.91 15.68 17.85
CA PHE A 88 -28.67 15.11 18.99
C PHE A 88 -30.12 14.89 18.55
N LYS A 89 -30.70 15.87 17.90
CA LYS A 89 -32.10 15.72 17.48
C LYS A 89 -32.25 14.58 16.46
N PHE A 90 -31.31 14.48 15.55
CA PHE A 90 -31.40 13.41 14.55
C PHE A 90 -31.37 12.06 15.24
N ILE A 91 -30.46 11.94 16.18
CA ILE A 91 -30.33 10.67 16.89
C ILE A 91 -31.49 10.33 17.83
N PHE A 92 -31.91 11.32 18.62
CA PHE A 92 -32.99 11.13 19.58
C PHE A 92 -34.41 11.36 19.13
N ASP A 93 -34.62 12.31 18.24
CA ASP A 93 -35.98 12.63 17.84
C ASP A 93 -36.53 12.00 16.54
N VAL A 94 -35.68 11.35 15.72
CA VAL A 94 -36.17 10.69 14.51
C VAL A 94 -36.87 9.36 14.80
N ASP A 95 -38.07 9.21 14.24
CA ASP A 95 -38.92 8.02 14.42
C ASP A 95 -38.21 6.79 13.85
N GLU A 96 -37.94 5.81 14.70
CA GLU A 96 -37.25 4.62 14.25
C GLU A 96 -37.94 3.91 13.11
N ARG A 97 -39.26 3.99 13.04
CA ARG A 97 -39.92 3.28 11.95
C ARG A 97 -39.47 3.84 10.62
N TYR A 98 -39.34 5.15 10.56
CA TYR A 98 -38.93 5.84 9.33
C TYR A 98 -37.49 5.51 8.95
N ILE A 99 -36.63 5.45 9.94
CA ILE A 99 -35.26 5.11 9.63
C ILE A 99 -35.18 3.73 9.03
N LYS A 100 -35.94 2.80 9.59
CA LYS A 100 -35.88 1.45 9.10
C LYS A 100 -36.51 1.36 7.72
N LEU A 101 -37.60 2.08 7.50
CA LEU A 101 -38.21 2.03 6.16
C LEU A 101 -37.20 2.57 5.14
N TYR A 102 -36.48 3.60 5.54
CA TYR A 102 -35.52 4.22 4.64
C TYR A 102 -34.42 3.24 4.31
N VAL A 103 -33.80 2.64 5.30
CA VAL A 103 -32.73 1.70 5.01
C VAL A 103 -33.18 0.53 4.13
N GLN A 104 -34.44 0.13 4.28
CA GLN A 104 -35.00 -0.96 3.52
C GLN A 104 -35.36 -0.60 2.05
N LEU A 105 -35.24 0.67 1.68
CA LEU A 105 -35.49 1.06 0.29
C LEU A 105 -34.56 0.27 -0.63
N SER A 106 -33.42 -0.18 -0.11
CA SER A 106 -32.51 -0.91 -0.99
C SER A 106 -33.08 -2.26 -1.47
N SER A 107 -34.21 -2.70 -0.93
CA SER A 107 -34.81 -3.91 -1.43
C SER A 107 -36.21 -3.63 -2.05
N ALA A 108 -36.47 -2.36 -2.37
CA ALA A 108 -37.76 -1.95 -2.97
C ALA A 108 -37.99 -2.63 -4.31
N PRO A 109 -39.28 -2.75 -4.71
CA PRO A 109 -39.70 -3.36 -5.99
C PRO A 109 -39.13 -2.51 -7.15
N GLU A 110 -38.72 -3.19 -8.21
CA GLU A 110 -38.14 -2.56 -9.37
C GLU A 110 -38.99 -1.47 -10.02
N ALA A 111 -40.30 -1.56 -9.93
CA ALA A 111 -41.15 -0.53 -10.54
C ALA A 111 -40.97 0.83 -9.83
N LEU A 112 -40.41 0.83 -8.63
CA LEU A 112 -40.18 2.10 -7.90
C LEU A 112 -38.72 2.55 -8.05
N ASN A 113 -37.93 1.82 -8.80
CA ASN A 113 -36.52 2.22 -8.85
C ASN A 113 -36.36 3.68 -9.29
N SER A 114 -36.99 4.04 -10.40
CA SER A 114 -36.79 5.38 -10.89
C SER A 114 -37.30 6.46 -9.96
N GLU A 115 -38.51 6.27 -9.42
CA GLU A 115 -39.05 7.24 -8.46
C GLU A 115 -38.12 7.38 -7.23
N ILE A 116 -37.67 6.24 -6.67
CA ILE A 116 -36.80 6.32 -5.49
C ILE A 116 -35.46 6.95 -5.86
N LYS A 117 -34.88 6.59 -6.98
CA LYS A 117 -33.61 7.23 -7.35
C LYS A 117 -33.77 8.78 -7.38
N HIS A 118 -34.88 9.28 -7.93
CA HIS A 118 -35.06 10.73 -7.95
C HIS A 118 -35.29 11.31 -6.56
N HIS A 119 -36.07 10.63 -5.71
CA HIS A 119 -36.20 11.11 -4.32
C HIS A 119 -34.85 11.22 -3.61
N LEU A 120 -33.95 10.24 -3.83
CA LEU A 120 -32.63 10.22 -3.19
C LEU A 120 -31.82 11.41 -3.68
N GLN A 121 -31.90 11.72 -4.97
CA GLN A 121 -31.19 12.89 -5.50
C GLN A 121 -31.69 14.17 -4.83
N GLU A 122 -32.99 14.28 -4.64
CA GLU A 122 -33.56 15.44 -3.96
C GLU A 122 -33.09 15.56 -2.51
N ILE A 123 -33.12 14.46 -1.76
CA ILE A 123 -32.73 14.57 -0.39
C ILE A 123 -31.22 14.80 -0.25
N ASN A 124 -30.40 14.19 -1.11
CA ASN A 124 -28.98 14.43 -0.98
C ASN A 124 -28.66 15.91 -1.25
N THR A 125 -29.36 16.53 -2.17
CA THR A 125 -29.13 17.95 -2.47
C THR A 125 -29.61 18.82 -1.32
N THR A 126 -30.75 18.47 -0.73
CA THR A 126 -31.30 19.21 0.37
C THR A 126 -30.37 19.10 1.53
N LEU A 127 -29.92 17.89 1.80
CA LEU A 127 -29.03 17.69 2.96
C LEU A 127 -27.76 18.49 2.73
N HIS A 128 -27.20 18.37 1.56
CA HIS A 128 -25.97 19.09 1.31
C HIS A 128 -26.16 20.61 1.49
N ASP A 129 -27.23 21.18 0.95
CA ASP A 129 -27.46 22.61 1.08
C ASP A 129 -27.66 23.03 2.55
N GLU A 130 -28.27 22.18 3.36
CA GLU A 130 -28.45 22.51 4.76
C GLU A 130 -27.12 22.35 5.56
N LEU A 131 -26.32 21.31 5.27
CA LEU A 131 -25.09 21.11 6.06
C LEU A 131 -24.07 22.21 5.80
N ILE A 132 -24.04 22.72 4.58
CA ILE A 132 -23.14 23.79 4.21
C ILE A 132 -23.38 25.06 5.03
N LYS A 133 -24.60 25.24 5.52
CA LYS A 133 -24.90 26.40 6.35
C LYS A 133 -24.10 26.34 7.67
N TYR A 134 -23.79 25.12 8.18
CA TYR A 134 -23.01 25.01 9.42
C TYR A 134 -21.50 25.19 9.14
N TYR A 135 -21.08 25.23 7.89
CA TYR A 135 -19.65 25.35 7.60
C TYR A 135 -19.16 26.79 7.58
N ASP A 136 -18.42 27.17 8.61
CA ASP A 136 -17.86 28.51 8.71
C ASP A 136 -16.32 28.36 8.82
N PRO A 137 -15.59 28.61 7.73
CA PRO A 137 -14.12 28.47 7.81
C PRO A 137 -13.55 29.13 9.07
N THR A 138 -14.21 30.18 9.55
CA THR A 138 -13.73 30.87 10.73
C THR A 138 -13.56 29.88 11.85
N HIS A 139 -14.68 29.27 12.23
CA HIS A 139 -14.71 28.33 13.34
C HIS A 139 -14.35 26.90 13.02
N ILE A 140 -14.35 26.53 11.74
CA ILE A 140 -14.05 25.15 11.33
C ILE A 140 -12.70 24.99 10.64
N ALA A 141 -11.86 24.11 11.17
CA ALA A 141 -10.54 23.85 10.58
C ALA A 141 -10.60 23.03 9.31
N LEU A 142 -11.36 21.94 9.36
CA LEU A 142 -11.53 21.05 8.20
C LEU A 142 -11.92 21.77 6.93
N ASP A 143 -11.52 21.21 5.78
CA ASP A 143 -11.95 21.74 4.48
C ASP A 143 -13.47 21.43 4.42
N LYS A 144 -14.22 22.20 3.62
CA LYS A 144 -15.65 22.01 3.51
C LYS A 144 -16.07 20.57 3.17
N GLU A 145 -15.43 19.94 2.18
CA GLU A 145 -15.81 18.57 1.82
C GLU A 145 -15.58 17.57 2.96
N ASP A 146 -14.46 17.68 3.66
CA ASP A 146 -14.19 16.80 4.77
C ASP A 146 -15.22 16.98 5.86
N PHE A 147 -15.59 18.23 6.14
CA PHE A 147 -16.61 18.53 7.15
C PHE A 147 -17.99 17.92 6.82
N ILE A 148 -18.46 18.13 5.59
CA ILE A 148 -19.73 17.60 5.13
C ILE A 148 -19.63 16.08 5.16
N ASN A 149 -18.53 15.53 4.69
CA ASN A 149 -18.40 14.07 4.68
C ASN A 149 -18.40 13.45 6.08
N LEU A 150 -17.82 14.14 7.07
CA LEU A 150 -17.82 13.63 8.45
C LEU A 150 -19.26 13.58 8.95
N ILE A 151 -20.03 14.64 8.72
CA ILE A 151 -21.44 14.66 9.20
C ILE A 151 -22.26 13.57 8.50
N LEU A 152 -22.07 13.38 7.20
CA LEU A 152 -22.82 12.32 6.49
C LEU A 152 -22.46 10.92 7.04
N LEU A 153 -21.21 10.70 7.47
CA LEU A 153 -20.82 9.41 8.10
C LEU A 153 -21.63 9.22 9.38
N PHE A 154 -21.79 10.28 10.17
CA PHE A 154 -22.56 10.13 11.40
C PHE A 154 -24.01 9.80 11.07
N LEU A 155 -24.58 10.54 10.14
CA LEU A 155 -26.00 10.30 9.85
C LEU A 155 -26.27 8.93 9.26
N GLU A 156 -25.44 8.52 8.29
CA GLU A 156 -25.63 7.21 7.65
C GLU A 156 -25.31 6.06 8.58
N THR A 157 -24.33 6.25 9.46
CA THR A 157 -24.03 5.17 10.41
C THR A 157 -25.25 5.04 11.36
N TRP A 158 -25.89 6.14 11.70
CA TRP A 158 -27.05 6.04 12.60
C TRP A 158 -28.21 5.28 11.97
N TYR A 159 -28.49 5.47 10.66
CA TYR A 159 -29.56 4.74 9.99
C TYR A 159 -29.30 3.27 10.15
N PHE A 160 -28.04 2.89 9.92
CA PHE A 160 -27.59 1.51 10.04
C PHE A 160 -27.72 0.98 11.47
N ARG A 161 -27.17 1.71 12.44
CA ARG A 161 -27.27 1.26 13.82
C ARG A 161 -28.67 1.28 14.45
N ALA A 162 -29.48 2.27 14.10
CA ALA A 162 -30.81 2.36 14.67
C ALA A 162 -31.70 1.23 14.11
N SER A 163 -31.54 0.93 12.82
CA SER A 163 -32.33 -0.11 12.19
C SER A 163 -32.07 -1.44 12.88
N PHE A 164 -30.82 -1.71 13.25
CA PHE A 164 -30.50 -2.97 13.93
C PHE A 164 -30.86 -2.94 15.43
N SER A 165 -30.67 -1.80 16.07
CA SER A 165 -30.99 -1.71 17.48
C SER A 165 -32.50 -1.77 17.74
N GLN A 166 -33.33 -1.22 16.85
CA GLN A 166 -34.76 -1.30 17.11
C GLN A 166 -35.19 -2.76 17.04
N LYS A 167 -34.53 -3.53 16.19
CA LYS A 167 -34.89 -4.91 16.07
C LYS A 167 -34.23 -5.84 17.07
N PHE A 168 -32.89 -5.79 17.19
CA PHE A 168 -32.11 -6.68 18.07
C PHE A 168 -31.66 -6.17 19.44
N GLY A 169 -31.80 -4.87 19.69
CA GLY A 169 -31.32 -4.35 20.96
C GLY A 169 -32.26 -3.42 21.69
N ILE A 170 -31.66 -2.51 22.44
CA ILE A 170 -32.42 -1.55 23.23
C ILE A 170 -32.12 -0.20 22.61
N ILE A 171 -33.10 0.38 21.95
CA ILE A 171 -32.86 1.65 21.26
C ILE A 171 -32.41 2.84 22.15
N GLU A 172 -32.95 3.00 23.36
CA GLU A 172 -32.48 4.11 24.20
C GLU A 172 -30.98 4.02 24.43
N ASP A 173 -30.47 2.80 24.60
CA ASP A 173 -29.07 2.63 24.87
C ASP A 173 -28.26 2.87 23.62
N SER A 174 -28.76 2.44 22.47
CA SER A 174 -28.05 2.70 21.23
C SER A 174 -28.00 4.23 21.02
N LYS A 175 -29.12 4.92 21.26
CA LYS A 175 -29.13 6.38 21.07
C LYS A 175 -28.07 7.02 21.95
N ASN A 176 -28.04 6.62 23.23
CA ASN A 176 -27.04 7.22 24.13
C ASN A 176 -25.58 6.93 23.79
N ARG A 177 -25.30 5.70 23.47
CA ARG A 177 -23.95 5.29 23.15
C ARG A 177 -23.49 5.99 21.85
N PHE A 178 -24.34 5.99 20.82
CA PHE A 178 -23.93 6.60 19.54
C PHE A 178 -23.70 8.09 19.69
N LYS A 179 -24.64 8.76 20.37
CA LYS A 179 -24.50 10.18 20.57
C LYS A 179 -23.17 10.50 21.25
N ASP A 180 -22.79 9.67 22.23
CA ASP A 180 -21.53 9.89 22.96
C ASP A 180 -20.36 9.73 22.00
N GLN A 181 -20.45 8.71 21.14
CA GLN A 181 -19.37 8.50 20.15
C GLN A 181 -19.21 9.67 19.18
N VAL A 182 -20.33 10.16 18.71
CA VAL A 182 -20.39 11.26 17.74
C VAL A 182 -19.82 12.55 18.37
N TYR A 183 -20.27 12.86 19.58
CA TYR A 183 -19.78 14.04 20.29
C TYR A 183 -18.28 13.94 20.48
N SER A 184 -17.81 12.74 20.82
CA SER A 184 -16.37 12.57 21.03
C SER A 184 -15.57 12.82 19.74
N LEU A 185 -16.01 12.26 18.61
CA LEU A 185 -15.26 12.45 17.37
C LEU A 185 -15.44 13.87 16.88
N LEU A 186 -16.64 14.41 16.98
CA LEU A 186 -16.86 15.76 16.52
C LEU A 186 -15.90 16.67 17.27
N ASN A 187 -15.72 16.39 18.58
CA ASN A 187 -14.81 17.16 19.39
C ASN A 187 -13.37 17.15 18.83
N VAL A 188 -12.78 15.96 18.64
CA VAL A 188 -11.42 15.94 18.16
C VAL A 188 -11.28 16.47 16.73
N PHE A 189 -12.30 16.30 15.90
CA PHE A 189 -12.22 16.82 14.53
C PHE A 189 -12.33 18.34 14.45
N LEU A 190 -13.16 18.98 15.28
CA LEU A 190 -13.31 20.43 15.23
C LEU A 190 -12.28 21.26 16.00
N LYS B 9 -24.88 -29.12 -1.66
CA LYS B 9 -25.42 -28.50 -0.42
C LYS B 9 -24.73 -27.18 -0.21
N ASP B 10 -23.45 -27.13 -0.60
CA ASP B 10 -22.68 -25.90 -0.52
C ASP B 10 -23.19 -25.08 -1.70
N LYS B 11 -23.54 -25.82 -2.76
CA LYS B 11 -24.08 -25.24 -3.98
C LYS B 11 -25.46 -24.59 -3.67
N ILE B 12 -26.27 -25.28 -2.88
CA ILE B 12 -27.61 -24.82 -2.48
C ILE B 12 -27.50 -23.53 -1.68
N ILE B 13 -26.66 -23.53 -0.66
CA ILE B 13 -26.49 -22.34 0.18
C ILE B 13 -25.84 -21.21 -0.61
N ASP B 14 -24.88 -21.54 -1.46
CA ASP B 14 -24.21 -20.54 -2.34
C ASP B 14 -25.31 -19.82 -3.16
N ASN B 15 -26.16 -20.59 -3.85
CA ASN B 15 -27.25 -20.03 -4.64
C ASN B 15 -28.33 -19.35 -3.81
N ALA B 16 -28.61 -19.88 -2.62
CA ALA B 16 -29.64 -19.26 -1.78
C ALA B 16 -29.20 -17.86 -1.34
N ILE B 17 -27.93 -17.70 -1.00
CA ILE B 17 -27.45 -16.38 -0.55
C ILE B 17 -27.68 -15.39 -1.68
N THR B 18 -27.39 -15.82 -2.90
CA THR B 18 -27.60 -14.95 -4.05
C THR B 18 -29.07 -14.60 -4.16
N LEU B 19 -29.96 -15.60 -4.10
CA LEU B 19 -31.39 -15.30 -4.26
C LEU B 19 -31.97 -14.48 -3.11
N PHE B 20 -31.60 -14.82 -1.88
CA PHE B 20 -32.10 -14.06 -0.72
C PHE B 20 -31.55 -12.63 -0.84
N SER B 21 -30.34 -12.45 -1.34
CA SER B 21 -29.81 -11.09 -1.42
C SER B 21 -30.62 -10.27 -2.44
N GLU B 22 -31.03 -10.89 -3.53
CA GLU B 22 -31.76 -10.17 -4.54
C GLU B 22 -33.27 -10.01 -4.32
N LYS B 23 -33.94 -11.07 -3.84
CA LYS B 23 -35.39 -11.08 -3.66
C LYS B 23 -35.85 -10.90 -2.23
N GLY B 24 -34.96 -11.13 -1.27
CA GLY B 24 -35.38 -11.05 0.10
C GLY B 24 -35.80 -12.46 0.58
N TYR B 25 -35.93 -12.62 1.89
CA TYR B 25 -36.35 -13.86 2.50
C TYR B 25 -37.74 -14.27 2.01
N ASP B 26 -38.68 -13.33 2.15
CA ASP B 26 -40.06 -13.55 1.79
C ASP B 26 -40.28 -13.65 0.30
N GLY B 27 -39.49 -12.93 -0.47
CA GLY B 27 -39.64 -12.97 -1.91
C GLY B 27 -38.97 -14.15 -2.60
N THR B 28 -38.18 -14.92 -1.86
CA THR B 28 -37.49 -16.06 -2.46
C THR B 28 -38.33 -17.32 -2.18
N THR B 29 -38.44 -18.24 -3.14
CA THR B 29 -39.23 -19.48 -2.91
C THR B 29 -38.34 -20.75 -2.98
N LEU B 30 -38.84 -21.87 -2.46
CA LEU B 30 -38.08 -23.10 -2.54
C LEU B 30 -37.97 -23.53 -4.00
N ASP B 31 -38.98 -23.22 -4.78
CA ASP B 31 -38.94 -23.51 -6.21
C ASP B 31 -37.74 -22.79 -6.80
N ASP B 32 -37.58 -21.49 -6.49
CA ASP B 32 -36.43 -20.69 -6.98
C ASP B 32 -35.10 -21.33 -6.63
N ILE B 33 -34.92 -21.67 -5.36
CA ILE B 33 -33.66 -22.25 -4.91
C ILE B 33 -33.39 -23.56 -5.60
N SER B 34 -34.41 -24.42 -5.71
CA SER B 34 -34.17 -25.71 -6.34
C SER B 34 -33.98 -25.53 -7.85
N LYS B 35 -34.73 -24.62 -8.48
CA LYS B 35 -34.54 -24.39 -9.91
C LYS B 35 -33.09 -23.88 -10.17
N SER B 36 -32.54 -23.12 -9.22
CA SER B 36 -31.20 -22.54 -9.37
C SER B 36 -30.07 -23.55 -9.36
N VAL B 37 -30.17 -24.59 -8.55
CA VAL B 37 -29.11 -25.60 -8.58
C VAL B 37 -29.55 -26.80 -9.40
N ASN B 38 -30.67 -26.64 -10.08
CA ASN B 38 -31.20 -27.69 -10.94
C ASN B 38 -31.54 -29.01 -10.25
N ILE B 39 -32.25 -28.95 -9.12
CA ILE B 39 -32.70 -30.17 -8.47
C ILE B 39 -34.20 -30.05 -8.23
N LYS B 40 -34.84 -31.17 -7.88
CA LYS B 40 -36.27 -31.17 -7.60
C LYS B 40 -36.48 -30.51 -6.25
N LYS B 41 -37.54 -29.73 -6.12
CA LYS B 41 -37.84 -29.06 -4.86
C LYS B 41 -37.97 -30.11 -3.70
N ALA B 42 -38.56 -31.26 -4.00
CA ALA B 42 -38.71 -32.34 -2.99
C ALA B 42 -37.37 -32.72 -2.40
N SER B 43 -36.32 -32.63 -3.18
CA SER B 43 -35.01 -33.06 -2.66
C SER B 43 -34.44 -32.19 -1.55
N LEU B 44 -34.93 -30.97 -1.41
CA LEU B 44 -34.43 -30.07 -0.37
C LEU B 44 -34.88 -30.52 1.02
N TYR B 45 -35.95 -31.32 1.07
CA TYR B 45 -36.51 -31.73 2.36
C TYR B 45 -35.77 -32.79 3.16
N TYR B 46 -34.66 -33.29 2.62
CA TYR B 46 -33.83 -34.24 3.38
C TYR B 46 -32.96 -33.46 4.35
N HIS B 47 -32.26 -32.48 3.81
CA HIS B 47 -31.36 -31.63 4.60
C HIS B 47 -32.00 -30.42 5.31
N TYR B 48 -33.13 -29.94 4.79
CA TYR B 48 -33.78 -28.75 5.35
C TYR B 48 -35.25 -29.01 5.62
N ASP B 49 -35.83 -28.42 6.65
CA ASP B 49 -37.25 -28.63 6.87
C ASP B 49 -38.09 -27.58 6.14
N ASN B 50 -37.48 -26.44 5.79
CA ASN B 50 -38.25 -25.39 5.16
C ASN B 50 -37.31 -24.26 4.71
N LYS B 51 -37.87 -23.23 4.12
CA LYS B 51 -37.07 -22.12 3.60
C LYS B 51 -36.37 -21.41 4.75
N GLU B 52 -37.05 -21.31 5.89
CA GLU B 52 -36.40 -20.63 7.02
C GLU B 52 -35.09 -21.28 7.42
N GLU B 53 -35.00 -22.61 7.38
CA GLU B 53 -33.74 -23.23 7.73
C GLU B 53 -32.67 -22.94 6.71
N ILE B 54 -33.05 -22.86 5.43
CA ILE B 54 -32.04 -22.55 4.41
C ILE B 54 -31.53 -21.11 4.63
N TYR B 55 -32.46 -20.24 5.00
CA TYR B 55 -32.11 -18.81 5.29
C TYR B 55 -31.16 -18.76 6.48
N ARG B 56 -31.50 -19.52 7.53
CA ARG B 56 -30.64 -19.57 8.71
C ARG B 56 -29.21 -19.99 8.38
N LYS B 57 -29.05 -21.00 7.53
CA LYS B 57 -27.72 -21.45 7.13
C LYS B 57 -27.06 -20.39 6.24
N SER B 58 -27.85 -19.64 5.47
CA SER B 58 -27.21 -18.61 4.57
C SER B 58 -26.64 -17.51 5.45
N VAL B 59 -27.40 -17.08 6.45
CA VAL B 59 -26.92 -16.03 7.38
C VAL B 59 -25.66 -16.48 8.09
N GLU B 60 -25.64 -17.74 8.51
CA GLU B 60 -24.45 -18.28 9.18
C GLU B 60 -23.24 -18.19 8.26
N ASN B 61 -23.44 -18.59 7.02
CA ASN B 61 -22.38 -18.52 6.01
C ASN B 61 -21.89 -17.07 5.85
N CYS B 62 -22.83 -16.16 5.85
CA CYS B 62 -22.55 -14.74 5.69
C CYS B 62 -21.64 -14.30 6.82
N PHE B 63 -22.02 -14.61 8.05
CA PHE B 63 -21.19 -14.20 9.19
C PHE B 63 -19.80 -14.81 9.15
N ASN B 64 -19.67 -16.07 8.79
CA ASN B 64 -18.36 -16.71 8.65
C ASN B 64 -17.55 -16.00 7.54
N TYR B 65 -18.22 -15.59 6.48
CA TYR B 65 -17.54 -14.91 5.37
C TYR B 65 -16.92 -13.60 5.81
N PHE B 66 -17.67 -12.83 6.61
CA PHE B 66 -17.16 -11.54 7.09
C PHE B 66 -16.07 -11.75 8.11
N ILE B 67 -16.29 -12.69 9.02
CA ILE B 67 -15.25 -12.94 10.03
C ILE B 67 -13.94 -13.36 9.37
N ASP B 68 -13.96 -14.31 8.45
CA ASP B 68 -12.74 -14.70 7.76
C ASP B 68 -12.16 -13.51 7.00
N PHE B 69 -13.02 -12.77 6.32
CA PHE B 69 -12.52 -11.64 5.56
C PHE B 69 -11.81 -10.65 6.52
N LEU B 70 -12.41 -10.36 7.67
CA LEU B 70 -11.81 -9.41 8.61
C LEU B 70 -10.48 -9.86 9.17
N LEU B 71 -10.35 -11.17 9.41
CA LEU B 71 -9.13 -11.74 9.98
C LEU B 71 -8.03 -11.98 8.95
N ARG B 72 -8.37 -11.92 7.66
CA ARG B 72 -7.39 -12.17 6.60
C ARG B 72 -6.43 -11.02 6.29
N ASN B 73 -5.19 -11.18 6.78
CA ASN B 73 -4.10 -10.22 6.57
C ASN B 73 -2.87 -11.02 6.09
N HIS B 74 -2.76 -11.24 4.78
CA HIS B 74 -1.64 -11.99 4.21
C HIS B 74 -0.29 -11.54 4.78
N ASN B 77 0.48 -7.58 8.15
CA ASN B 77 0.92 -6.18 7.95
C ASN B 77 0.00 -5.23 8.73
N TYR B 78 0.31 -4.96 10.01
CA TYR B 78 -0.54 -4.06 10.79
C TYR B 78 -0.01 -2.62 10.84
N SER B 79 0.74 -2.25 9.82
CA SER B 79 1.29 -0.89 9.71
C SER B 79 0.15 0.05 9.28
N ILE B 80 0.47 1.34 9.14
CA ILE B 80 -0.53 2.31 8.70
C ILE B 80 -0.84 1.95 7.27
N ASP B 81 0.18 1.55 6.51
CA ASP B 81 -0.03 1.12 5.13
C ASP B 81 -1.00 -0.07 5.12
N GLY B 82 -0.89 -0.96 6.12
CA GLY B 82 -1.80 -2.08 6.18
C GLY B 82 -3.23 -1.63 6.56
N LEU B 83 -3.36 -0.59 7.37
CA LEU B 83 -4.73 -0.11 7.69
C LEU B 83 -5.38 0.45 6.42
N TYR B 84 -4.66 1.25 5.63
CA TYR B 84 -5.25 1.77 4.39
C TYR B 84 -5.65 0.64 3.47
N GLN B 85 -4.85 -0.43 3.43
CA GLN B 85 -5.12 -1.58 2.57
C GLN B 85 -6.36 -2.35 3.06
N PHE B 86 -6.45 -2.47 4.38
CA PHE B 86 -7.59 -3.12 5.02
C PHE B 86 -8.89 -2.42 4.56
N LEU B 87 -8.92 -1.08 4.63
CA LEU B 87 -10.11 -0.29 4.21
C LEU B 87 -10.37 -0.44 2.70
N PHE B 88 -9.29 -0.40 1.94
CA PHE B 88 -9.40 -0.60 0.50
C PHE B 88 -10.04 -1.95 0.19
N LYS B 89 -9.56 -3.01 0.83
CA LYS B 89 -10.14 -4.32 0.57
C LYS B 89 -11.62 -4.40 0.97
N PHE B 90 -11.96 -3.80 2.11
CA PHE B 90 -13.34 -3.86 2.55
C PHE B 90 -14.25 -3.20 1.54
N ILE B 91 -13.88 -2.01 1.09
CA ILE B 91 -14.71 -1.31 0.14
C ILE B 91 -14.76 -2.00 -1.23
N PHE B 92 -13.60 -2.40 -1.79
CA PHE B 92 -13.61 -2.95 -3.14
C PHE B 92 -13.84 -4.41 -3.29
N ASP B 93 -13.33 -5.17 -2.34
CA ASP B 93 -13.40 -6.63 -2.42
C ASP B 93 -14.52 -7.35 -1.69
N VAL B 94 -15.20 -6.70 -0.74
CA VAL B 94 -16.29 -7.42 -0.06
C VAL B 94 -17.41 -7.65 -1.10
N ASP B 95 -17.86 -8.90 -1.21
CA ASP B 95 -18.92 -9.30 -2.17
C ASP B 95 -20.25 -8.59 -1.90
N GLU B 96 -20.79 -7.91 -2.91
CA GLU B 96 -22.02 -7.18 -2.77
C GLU B 96 -23.20 -8.03 -2.23
N ARG B 97 -23.28 -9.29 -2.61
CA ARG B 97 -24.41 -10.08 -2.15
C ARG B 97 -24.34 -10.25 -0.63
N TYR B 98 -23.15 -10.32 -0.06
CA TYR B 98 -23.08 -10.52 1.40
C TYR B 98 -23.47 -9.23 2.12
N ILE B 99 -23.12 -8.08 1.53
CA ILE B 99 -23.51 -6.79 2.13
C ILE B 99 -25.04 -6.67 2.09
N LYS B 100 -25.63 -7.04 0.97
CA LYS B 100 -27.09 -6.92 0.90
C LYS B 100 -27.75 -7.87 1.89
N LEU B 101 -27.26 -9.10 1.99
CA LEU B 101 -27.86 -10.05 2.93
C LEU B 101 -27.72 -9.51 4.38
N TYR B 102 -26.57 -8.91 4.68
CA TYR B 102 -26.33 -8.38 6.02
C TYR B 102 -27.33 -7.27 6.33
N VAL B 103 -27.44 -6.29 5.43
CA VAL B 103 -28.38 -5.18 5.64
C VAL B 103 -29.84 -5.62 5.75
N GLN B 104 -30.21 -6.69 5.06
CA GLN B 104 -31.60 -7.14 5.14
C GLN B 104 -31.94 -7.90 6.42
N LEU B 105 -30.93 -8.17 7.24
CA LEU B 105 -31.14 -8.85 8.52
C LEU B 105 -32.11 -8.07 9.40
N SER B 106 -32.17 -6.75 9.19
CA SER B 106 -33.06 -5.95 10.02
C SER B 106 -34.55 -6.23 9.80
N SER B 107 -34.88 -7.09 8.83
CA SER B 107 -36.28 -7.45 8.64
C SER B 107 -36.45 -8.97 8.66
N ALA B 108 -35.45 -9.68 9.20
CA ALA B 108 -35.48 -11.15 9.31
C ALA B 108 -36.68 -11.70 10.12
N PRO B 109 -37.03 -13.01 9.98
CA PRO B 109 -38.16 -13.52 10.77
C PRO B 109 -37.80 -13.43 12.26
N GLU B 110 -38.75 -13.01 13.08
CA GLU B 110 -38.53 -12.88 14.53
C GLU B 110 -37.94 -14.13 15.19
N ALA B 111 -38.28 -15.31 14.67
CA ALA B 111 -37.77 -16.57 15.23
C ALA B 111 -36.25 -16.64 15.24
N LEU B 112 -35.61 -15.85 14.40
CA LEU B 112 -34.17 -15.90 14.33
C LEU B 112 -33.47 -14.81 15.13
N ASN B 113 -34.25 -13.93 15.75
CA ASN B 113 -33.70 -12.79 16.46
C ASN B 113 -32.54 -13.07 17.38
N SER B 114 -32.70 -14.06 18.23
CA SER B 114 -31.64 -14.37 19.16
C SER B 114 -30.41 -14.94 18.48
N GLU B 115 -30.58 -15.76 17.44
CA GLU B 115 -29.41 -16.33 16.77
C GLU B 115 -28.62 -15.23 16.05
N ILE B 116 -29.32 -14.32 15.38
CA ILE B 116 -28.64 -13.21 14.68
C ILE B 116 -27.91 -12.34 15.73
N LYS B 117 -28.60 -12.02 16.80
CA LYS B 117 -28.01 -11.22 17.88
C LYS B 117 -26.71 -11.89 18.33
N HIS B 118 -26.72 -13.21 18.44
CA HIS B 118 -25.48 -13.88 18.84
C HIS B 118 -24.36 -13.72 17.80
N HIS B 119 -24.72 -13.70 16.52
CA HIS B 119 -23.73 -13.53 15.46
C HIS B 119 -23.23 -12.08 15.49
N LEU B 120 -24.13 -11.14 15.72
CA LEU B 120 -23.74 -9.74 15.76
C LEU B 120 -22.74 -9.50 16.92
N GLN B 121 -22.99 -10.06 18.10
CA GLN B 121 -22.04 -9.90 19.19
C GLN B 121 -20.66 -10.40 18.78
N GLU B 122 -20.64 -11.56 18.14
CA GLU B 122 -19.40 -12.17 17.71
C GLU B 122 -18.58 -11.38 16.69
N ILE B 123 -19.23 -10.78 15.71
CA ILE B 123 -18.47 -10.06 14.74
C ILE B 123 -18.00 -8.72 15.34
N ASN B 124 -18.80 -8.16 16.26
CA ASN B 124 -18.48 -6.89 16.94
C ASN B 124 -17.17 -7.10 17.75
N THR B 125 -17.09 -8.25 18.40
CA THR B 125 -15.90 -8.62 19.16
C THR B 125 -14.67 -8.86 18.30
N THR B 126 -14.82 -9.65 17.24
CA THR B 126 -13.68 -9.91 16.36
C THR B 126 -13.17 -8.63 15.74
N LEU B 127 -14.09 -7.74 15.44
CA LEU B 127 -13.71 -6.50 14.78
C LEU B 127 -12.90 -5.61 15.73
N HIS B 128 -13.43 -5.46 16.94
CA HIS B 128 -12.77 -4.66 17.95
C HIS B 128 -11.34 -5.17 18.24
N ASP B 129 -11.18 -6.49 18.38
CA ASP B 129 -9.88 -7.10 18.63
C ASP B 129 -8.92 -6.94 17.44
N GLU B 130 -9.43 -7.05 16.22
CA GLU B 130 -8.58 -6.89 15.04
C GLU B 130 -8.16 -5.44 14.86
N LEU B 131 -9.11 -4.52 15.02
CA LEU B 131 -8.79 -3.12 14.80
C LEU B 131 -7.75 -2.57 15.76
N ILE B 132 -7.81 -2.98 17.01
CA ILE B 132 -6.83 -2.44 17.96
C ILE B 132 -5.41 -2.78 17.55
N LYS B 133 -5.21 -3.82 16.76
CA LYS B 133 -3.88 -4.18 16.36
C LYS B 133 -3.29 -3.14 15.43
N TYR B 134 -4.12 -2.36 14.75
CA TYR B 134 -3.56 -1.32 13.85
C TYR B 134 -3.30 -0.03 14.62
N TYR B 135 -3.75 0.04 15.87
CA TYR B 135 -3.54 1.29 16.60
C TYR B 135 -2.08 1.49 16.99
N ASP B 136 -1.47 2.56 16.48
CA ASP B 136 -0.08 2.89 16.78
C ASP B 136 -0.01 4.39 17.13
N PRO B 137 0.02 4.75 18.41
CA PRO B 137 0.07 6.18 18.74
C PRO B 137 1.22 6.98 18.08
N THR B 138 2.30 6.29 17.71
CA THR B 138 3.40 7.00 17.07
C THR B 138 3.04 7.49 15.67
N HIS B 139 2.03 6.88 15.05
CA HIS B 139 1.58 7.27 13.69
C HIS B 139 0.15 7.80 13.57
N ILE B 140 -0.62 7.69 14.65
CA ILE B 140 -2.01 8.14 14.64
C ILE B 140 -2.23 9.10 15.80
N ALA B 141 -2.61 10.33 15.47
CA ALA B 141 -2.82 11.38 16.49
C ALA B 141 -4.23 11.36 17.10
N LEU B 142 -4.70 10.18 17.48
CA LEU B 142 -6.04 9.98 18.05
C LEU B 142 -5.93 8.95 19.15
N ASP B 143 -6.77 9.05 20.17
CA ASP B 143 -6.78 8.04 21.23
C ASP B 143 -7.34 6.72 20.67
N LYS B 144 -7.04 5.59 21.33
CA LYS B 144 -7.45 4.26 20.86
C LYS B 144 -8.96 4.12 20.61
N GLU B 145 -9.74 4.62 21.56
CA GLU B 145 -11.20 4.59 21.51
C GLU B 145 -11.79 5.33 20.31
N ASP B 146 -11.37 6.58 20.11
CA ASP B 146 -11.86 7.36 18.96
C ASP B 146 -11.37 6.76 17.66
N PHE B 147 -10.18 6.19 17.67
CA PHE B 147 -9.64 5.57 16.46
C PHE B 147 -10.55 4.41 16.05
N ILE B 148 -10.85 3.54 17.01
CA ILE B 148 -11.69 2.41 16.67
C ILE B 148 -13.10 2.85 16.24
N ASN B 149 -13.67 3.80 16.97
CA ASN B 149 -15.01 4.24 16.59
C ASN B 149 -15.03 4.85 15.20
N LEU B 150 -13.96 5.58 14.83
CA LEU B 150 -13.85 6.21 13.51
C LEU B 150 -13.86 5.14 12.43
N ILE B 151 -13.00 4.13 12.59
CA ILE B 151 -12.99 3.08 11.60
C ILE B 151 -14.34 2.37 11.51
N LEU B 152 -15.05 2.19 12.65
CA LEU B 152 -16.34 1.50 12.60
C LEU B 152 -17.35 2.34 11.86
N LEU B 153 -17.22 3.67 11.92
CA LEU B 153 -18.14 4.55 11.16
C LEU B 153 -17.91 4.31 9.68
N PHE B 154 -16.65 4.20 9.27
CA PHE B 154 -16.35 3.94 7.85
C PHE B 154 -16.94 2.64 7.38
N LEU B 155 -16.74 1.59 8.16
CA LEU B 155 -17.22 0.26 7.77
C LEU B 155 -18.75 0.24 7.69
N GLU B 156 -19.39 0.70 8.75
CA GLU B 156 -20.84 0.68 8.75
C GLU B 156 -21.41 1.57 7.66
N THR B 157 -20.81 2.72 7.42
CA THR B 157 -21.36 3.58 6.39
C THR B 157 -21.22 2.92 5.01
N TRP B 158 -20.17 2.11 4.80
CA TRP B 158 -20.01 1.44 3.49
C TRP B 158 -21.17 0.45 3.23
N TYR B 159 -21.64 -0.25 4.27
CA TYR B 159 -22.75 -1.16 4.10
C TYR B 159 -23.93 -0.39 3.53
N PHE B 160 -24.13 0.80 4.10
CA PHE B 160 -25.23 1.68 3.71
C PHE B 160 -25.04 2.15 2.28
N ARG B 161 -23.88 2.76 1.99
CA ARG B 161 -23.61 3.30 0.65
C ARG B 161 -23.61 2.28 -0.42
N ALA B 162 -22.93 1.15 -0.17
CA ALA B 162 -22.86 0.06 -1.16
C ALA B 162 -24.27 -0.48 -1.48
N SER B 163 -25.12 -0.65 -0.46
CA SER B 163 -26.41 -1.24 -0.82
C SER B 163 -27.23 -0.23 -1.63
N PHE B 164 -27.19 1.05 -1.29
CA PHE B 164 -27.91 2.01 -2.13
C PHE B 164 -27.28 2.20 -3.50
N SER B 165 -25.96 2.29 -3.55
CA SER B 165 -25.30 2.54 -4.84
C SER B 165 -25.55 1.42 -5.84
N GLN B 166 -25.52 0.20 -5.34
CA GLN B 166 -25.69 -0.94 -6.21
C GLN B 166 -27.11 -1.02 -6.77
N LYS B 167 -28.06 -0.51 -5.99
CA LYS B 167 -29.46 -0.57 -6.36
C LYS B 167 -29.88 0.65 -7.18
N PHE B 168 -29.44 1.84 -6.78
CA PHE B 168 -29.84 3.09 -7.43
C PHE B 168 -28.73 3.88 -8.12
N GLY B 169 -27.49 3.41 -8.05
CA GLY B 169 -26.42 4.19 -8.66
C GLY B 169 -25.39 3.33 -9.38
N ILE B 170 -24.13 3.75 -9.34
CA ILE B 170 -23.05 3.04 -10.03
C ILE B 170 -22.00 2.68 -8.98
N ILE B 171 -22.01 1.41 -8.60
CA ILE B 171 -21.16 0.93 -7.52
C ILE B 171 -19.68 1.18 -7.77
N GLU B 172 -19.20 1.02 -9.01
CA GLU B 172 -17.78 1.23 -9.26
C GLU B 172 -17.38 2.67 -8.89
N ASP B 173 -18.28 3.60 -9.18
CA ASP B 173 -18.04 5.01 -8.89
C ASP B 173 -18.09 5.21 -7.35
N SER B 174 -19.03 4.57 -6.68
CA SER B 174 -19.12 4.75 -5.24
C SER B 174 -17.94 4.21 -4.48
N LYS B 175 -17.35 3.11 -4.95
CA LYS B 175 -16.23 2.52 -4.26
C LYS B 175 -15.04 3.53 -4.31
N ASN B 176 -14.73 4.06 -5.48
CA ASN B 176 -13.65 5.02 -5.62
C ASN B 176 -13.93 6.30 -4.83
N ARG B 177 -15.12 6.83 -4.94
CA ARG B 177 -15.44 8.05 -4.18
C ARG B 177 -15.38 7.82 -2.65
N PHE B 178 -15.97 6.72 -2.18
CA PHE B 178 -16.01 6.54 -0.75
C PHE B 178 -14.60 6.32 -0.21
N LYS B 179 -13.80 5.60 -0.97
CA LYS B 179 -12.42 5.34 -0.52
C LYS B 179 -11.69 6.68 -0.35
N ASP B 180 -11.79 7.55 -1.36
CA ASP B 180 -11.17 8.87 -1.26
C ASP B 180 -11.68 9.66 -0.06
N GLN B 181 -12.99 9.59 0.23
CA GLN B 181 -13.54 10.37 1.33
C GLN B 181 -13.02 9.89 2.68
N VAL B 182 -13.00 8.58 2.88
CA VAL B 182 -12.55 7.97 4.14
C VAL B 182 -11.04 8.19 4.31
N TYR B 183 -10.26 8.05 3.25
CA TYR B 183 -8.80 8.28 3.43
C TYR B 183 -8.57 9.75 3.81
N SER B 184 -9.38 10.62 3.25
CA SER B 184 -9.22 12.05 3.50
C SER B 184 -9.48 12.41 4.96
N LEU B 185 -10.48 11.81 5.57
CA LEU B 185 -10.80 12.03 6.98
C LEU B 185 -9.74 11.40 7.87
N LEU B 186 -9.34 10.17 7.53
CA LEU B 186 -8.34 9.48 8.35
C LEU B 186 -6.99 10.22 8.30
N ASN B 187 -6.64 10.74 7.13
CA ASN B 187 -5.39 11.45 6.90
C ASN B 187 -5.23 12.65 7.82
N VAL B 188 -6.36 13.18 8.32
CA VAL B 188 -6.36 14.33 9.22
C VAL B 188 -5.54 13.96 10.50
N PHE B 189 -5.56 12.68 10.86
CA PHE B 189 -4.84 12.23 12.05
C PHE B 189 -3.57 11.46 11.82
N LEU B 190 -3.17 11.32 10.57
CA LEU B 190 -1.95 10.59 10.23
C LEU B 190 -0.72 11.41 10.58
N LYS B 191 0.24 10.81 11.30
CA LYS B 191 1.45 11.54 11.64
C LYS B 191 2.57 11.30 10.63
N MET C 8 -2.63 11.58 -7.98
CA MET C 8 -2.43 10.10 -8.12
C MET C 8 -1.16 9.74 -8.92
N LYS C 9 -0.87 10.47 -9.97
CA LYS C 9 0.31 10.20 -10.77
C LYS C 9 1.60 10.29 -9.97
N ASP C 10 1.69 11.25 -9.05
CA ASP C 10 2.88 11.41 -8.21
C ASP C 10 2.97 10.38 -7.10
N LYS C 11 1.81 9.97 -6.60
CA LYS C 11 1.78 8.97 -5.56
C LYS C 11 2.22 7.63 -6.17
N ILE C 12 1.83 7.38 -7.42
CA ILE C 12 2.21 6.13 -8.08
C ILE C 12 3.73 6.10 -8.20
N ILE C 13 4.32 7.18 -8.67
CA ILE C 13 5.77 7.21 -8.82
C ILE C 13 6.50 7.12 -7.48
N ASP C 14 6.05 7.86 -6.46
CA ASP C 14 6.65 7.79 -5.14
C ASP C 14 6.64 6.32 -4.62
N ASN C 15 5.49 5.64 -4.67
CA ASN C 15 5.41 4.25 -4.23
C ASN C 15 6.16 3.27 -5.15
N ALA C 16 6.20 3.53 -6.47
CA ALA C 16 6.95 2.63 -7.35
C ALA C 16 8.44 2.75 -7.01
N ILE C 17 8.92 3.96 -6.72
CA ILE C 17 10.36 4.10 -6.41
C ILE C 17 10.69 3.19 -5.22
N THR C 18 9.80 3.17 -4.23
CA THR C 18 10.01 2.30 -3.07
C THR C 18 10.08 0.85 -3.50
N LEU C 19 9.10 0.39 -4.27
CA LEU C 19 9.08 -1.00 -4.73
C LEU C 19 10.28 -1.36 -5.62
N PHE C 20 10.60 -0.49 -6.57
CA PHE C 20 11.75 -0.78 -7.44
C PHE C 20 13.05 -0.86 -6.67
N SER C 21 13.21 0.02 -5.69
CA SER C 21 14.45 0.05 -4.93
C SER C 21 14.59 -1.23 -4.13
N GLU C 22 13.48 -1.71 -3.61
CA GLU C 22 13.49 -2.94 -2.83
C GLU C 22 13.55 -4.22 -3.64
N LYS C 23 12.78 -4.33 -4.72
CA LYS C 23 12.75 -5.59 -5.48
C LYS C 23 13.33 -5.55 -6.87
N GLY C 24 13.76 -4.37 -7.30
CA GLY C 24 14.28 -4.26 -8.64
C GLY C 24 13.15 -4.17 -9.66
N TYR C 25 13.50 -3.78 -10.88
CA TYR C 25 12.54 -3.64 -11.95
C TYR C 25 11.76 -4.91 -12.24
N ASP C 26 12.47 -6.00 -12.52
CA ASP C 26 11.84 -7.28 -12.88
C ASP C 26 11.06 -7.95 -11.79
N GLY C 27 11.46 -7.75 -10.55
CA GLY C 27 10.75 -8.32 -9.44
C GLY C 27 9.50 -7.54 -9.03
N THR C 28 9.30 -6.33 -9.56
CA THR C 28 8.12 -5.49 -9.22
C THR C 28 6.99 -5.67 -10.24
N THR C 29 5.76 -5.89 -9.76
CA THR C 29 4.66 -6.06 -10.71
C THR C 29 3.69 -4.87 -10.62
N LEU C 30 2.88 -4.68 -11.66
CA LEU C 30 1.88 -3.60 -11.63
C LEU C 30 0.91 -3.85 -10.46
N ASP C 31 0.69 -5.13 -10.18
CA ASP C 31 -0.17 -5.55 -9.05
C ASP C 31 0.43 -5.00 -7.76
N ASP C 32 1.73 -5.17 -7.56
CA ASP C 32 2.40 -4.64 -6.36
C ASP C 32 2.23 -3.12 -6.33
N ILE C 33 2.39 -2.46 -7.49
CA ILE C 33 2.31 -1.00 -7.50
C ILE C 33 0.89 -0.48 -7.23
N SER C 34 -0.12 -1.09 -7.82
CA SER C 34 -1.47 -0.59 -7.55
C SER C 34 -1.86 -0.87 -6.10
N LYS C 35 -1.41 -1.99 -5.57
CA LYS C 35 -1.72 -2.31 -4.18
C LYS C 35 -1.06 -1.31 -3.23
N SER C 36 0.13 -0.84 -3.57
CA SER C 36 0.84 0.07 -2.68
C SER C 36 0.18 1.46 -2.67
N VAL C 37 -0.57 1.79 -3.71
CA VAL C 37 -1.20 3.11 -3.71
C VAL C 37 -2.74 2.97 -3.50
N ASN C 38 -3.16 1.75 -3.18
CA ASN C 38 -4.57 1.41 -2.91
C ASN C 38 -5.54 1.76 -4.02
N ILE C 39 -5.26 1.31 -5.22
CA ILE C 39 -6.14 1.51 -6.36
C ILE C 39 -6.19 0.20 -7.13
N LYS C 40 -7.19 0.04 -7.99
CA LYS C 40 -7.28 -1.16 -8.81
C LYS C 40 -6.38 -0.89 -10.01
N LYS C 41 -5.96 -1.96 -10.70
CA LYS C 41 -5.05 -1.75 -11.82
C LYS C 41 -5.64 -0.87 -12.87
N ALA C 42 -6.96 -0.94 -13.00
CA ALA C 42 -7.67 -0.14 -13.96
C ALA C 42 -7.34 1.32 -13.76
N SER C 43 -7.25 1.79 -12.52
CA SER C 43 -6.92 3.20 -12.32
C SER C 43 -5.46 3.45 -12.71
N LEU C 44 -4.62 2.44 -12.59
CA LEU C 44 -3.19 2.62 -12.88
C LEU C 44 -2.98 2.89 -14.35
N TYR C 45 -3.72 2.14 -15.18
CA TYR C 45 -3.70 2.20 -16.63
C TYR C 45 -4.20 3.53 -17.18
N TYR C 46 -5.02 4.22 -16.41
CA TYR C 46 -5.49 5.52 -16.84
C TYR C 46 -4.27 6.45 -16.93
N HIS C 47 -3.27 6.20 -16.10
CA HIS C 47 -2.11 7.08 -16.07
C HIS C 47 -0.86 6.59 -16.81
N TYR C 48 -0.65 5.28 -16.83
CA TYR C 48 0.53 4.69 -17.46
C TYR C 48 0.11 3.43 -18.20
N ASP C 49 0.73 3.21 -19.36
CA ASP C 49 0.44 2.04 -20.21
C ASP C 49 1.11 0.75 -19.76
N ASN C 50 2.27 0.87 -19.11
CA ASN C 50 2.97 -0.33 -18.71
C ASN C 50 4.00 -0.04 -17.65
N LYS C 51 4.65 -1.09 -17.17
CA LYS C 51 5.62 -0.96 -16.09
C LYS C 51 6.85 -0.20 -16.51
N GLU C 52 7.24 -0.34 -17.78
CA GLU C 52 8.47 0.32 -18.20
C GLU C 52 8.29 1.83 -18.17
N GLU C 53 7.11 2.33 -18.54
CA GLU C 53 6.84 3.79 -18.46
C GLU C 53 6.89 4.26 -17.00
N ILE C 54 6.41 3.45 -16.05
CA ILE C 54 6.46 3.90 -14.67
C ILE C 54 7.91 3.91 -14.19
N TYR C 55 8.69 2.91 -14.61
CA TYR C 55 10.12 2.86 -14.23
C TYR C 55 10.86 4.07 -14.84
N ARG C 56 10.52 4.43 -16.07
CA ARG C 56 11.17 5.56 -16.73
C ARG C 56 10.93 6.85 -15.93
N LYS C 57 9.69 7.08 -15.51
CA LYS C 57 9.40 8.29 -14.75
C LYS C 57 10.10 8.24 -13.40
N SER C 58 10.19 7.03 -12.84
CA SER C 58 10.84 6.83 -11.55
C SER C 58 12.34 7.17 -11.69
N VAL C 59 12.95 6.71 -12.77
CA VAL C 59 14.37 7.02 -13.02
C VAL C 59 14.59 8.51 -13.25
N GLU C 60 13.68 9.17 -13.97
CA GLU C 60 13.80 10.63 -14.19
C GLU C 60 13.69 11.41 -12.87
N ASN C 61 12.76 10.98 -12.04
CA ASN C 61 12.54 11.59 -10.71
C ASN C 61 13.84 11.46 -9.88
N CYS C 62 14.46 10.30 -9.98
CA CYS C 62 15.71 9.99 -9.26
C CYS C 62 16.85 10.92 -9.71
N PHE C 63 17.01 11.12 -11.02
CA PHE C 63 18.07 12.00 -11.48
C PHE C 63 17.80 13.43 -11.03
N ASN C 64 16.55 13.83 -11.07
CA ASN C 64 16.23 15.19 -10.66
C ASN C 64 16.43 15.37 -9.15
N TYR C 65 16.15 14.34 -8.40
CA TYR C 65 16.33 14.41 -6.95
C TYR C 65 17.82 14.62 -6.68
N PHE C 66 18.70 13.85 -7.31
CA PHE C 66 20.11 14.06 -7.05
C PHE C 66 20.66 15.39 -7.57
N ILE C 67 20.24 15.80 -8.76
CA ILE C 67 20.73 17.09 -9.27
C ILE C 67 20.28 18.25 -8.36
N ASP C 68 19.05 18.22 -7.90
CA ASP C 68 18.57 19.26 -6.99
C ASP C 68 19.31 19.18 -5.65
N PHE C 69 19.55 17.96 -5.17
CA PHE C 69 20.26 17.80 -3.90
C PHE C 69 21.63 18.43 -4.01
N LEU C 70 22.38 18.06 -5.03
CA LEU C 70 23.72 18.62 -5.20
C LEU C 70 23.71 20.14 -5.33
N LEU C 71 22.77 20.67 -6.14
CA LEU C 71 22.70 22.10 -6.38
C LEU C 71 22.14 22.93 -5.23
N ARG C 72 20.99 22.52 -4.69
CA ARG C 72 20.35 23.25 -3.61
C ARG C 72 20.21 22.38 -2.36
N ASP C 75 23.64 25.29 2.04
CA ASP C 75 24.41 26.49 2.40
C ASP C 75 25.33 26.91 1.24
N ASP C 76 25.72 28.18 1.21
CA ASP C 76 26.54 28.68 0.11
C ASP C 76 27.94 29.22 0.39
N ASN C 77 28.61 28.67 1.39
CA ASN C 77 29.97 29.06 1.73
C ASN C 77 30.85 27.90 1.27
N TYR C 78 31.40 28.01 0.05
CA TYR C 78 32.21 26.95 -0.47
C TYR C 78 33.55 26.85 0.23
N SER C 79 33.49 27.08 1.53
CA SER C 79 34.63 27.01 2.40
C SER C 79 34.91 25.54 2.66
N ILE C 80 36.08 25.25 3.20
CA ILE C 80 36.43 23.88 3.53
C ILE C 80 35.40 23.34 4.56
N ASP C 81 34.92 24.18 5.45
CA ASP C 81 33.92 23.68 6.38
C ASP C 81 32.66 23.36 5.60
N GLY C 82 32.45 24.11 4.52
CA GLY C 82 31.32 23.90 3.64
C GLY C 82 31.41 22.54 2.94
N LEU C 83 32.62 22.13 2.56
CA LEU C 83 32.83 20.83 1.90
C LEU C 83 32.47 19.69 2.89
N TYR C 84 32.98 19.80 4.14
CA TYR C 84 32.68 18.78 5.15
C TYR C 84 31.17 18.66 5.39
N GLN C 85 30.48 19.79 5.39
CA GLN C 85 29.06 19.77 5.62
C GLN C 85 28.34 19.14 4.42
N PHE C 86 28.85 19.41 3.22
CA PHE C 86 28.28 18.86 1.99
C PHE C 86 28.28 17.34 2.12
N LEU C 87 29.47 16.80 2.43
CA LEU C 87 29.63 15.37 2.57
C LEU C 87 28.76 14.78 3.66
N PHE C 88 28.71 15.48 4.80
CA PHE C 88 27.87 15.03 5.90
C PHE C 88 26.40 14.94 5.41
N LYS C 89 25.92 15.97 4.74
CA LYS C 89 24.50 15.94 4.29
C LYS C 89 24.31 14.83 3.23
N PHE C 90 25.28 14.64 2.37
CA PHE C 90 25.08 13.56 1.38
C PHE C 90 24.95 12.19 2.08
N ILE C 91 25.80 11.92 3.05
CA ILE C 91 25.73 10.63 3.76
C ILE C 91 24.49 10.50 4.63
N PHE C 92 24.19 11.53 5.42
CA PHE C 92 23.08 11.43 6.33
C PHE C 92 21.69 11.74 5.82
N ASP C 93 21.58 12.68 4.89
CA ASP C 93 20.25 13.10 4.45
C ASP C 93 19.73 12.59 3.12
N VAL C 94 20.56 11.95 2.29
CA VAL C 94 20.06 11.42 1.02
C VAL C 94 19.18 10.21 1.30
N ASP C 95 18.03 10.18 0.65
CA ASP C 95 17.05 9.15 0.85
C ASP C 95 17.62 7.82 0.32
N GLU C 96 17.60 6.80 1.17
CA GLU C 96 18.13 5.47 0.83
C GLU C 96 17.49 4.87 -0.40
N ARG C 97 16.19 5.11 -0.54
CA ARG C 97 15.43 4.61 -1.69
C ARG C 97 16.08 5.06 -2.99
N TYR C 98 16.44 6.33 -3.05
CA TYR C 98 17.04 6.87 -4.26
C TYR C 98 18.43 6.37 -4.54
N ILE C 99 19.25 6.18 -3.49
CA ILE C 99 20.61 5.66 -3.72
C ILE C 99 20.51 4.27 -4.31
N LYS C 100 19.62 3.48 -3.76
CA LYS C 100 19.45 2.12 -4.25
C LYS C 100 18.92 2.10 -5.67
N LEU C 101 17.94 2.96 -5.94
CA LEU C 101 17.38 3.01 -7.29
C LEU C 101 18.53 3.41 -8.29
N TYR C 102 19.36 4.34 -7.88
CA TYR C 102 20.46 4.81 -8.72
C TYR C 102 21.44 3.69 -8.99
N VAL C 103 21.88 2.99 -7.96
CA VAL C 103 22.81 1.87 -8.20
C VAL C 103 22.26 0.81 -9.15
N GLN C 104 20.98 0.49 -9.02
CA GLN C 104 20.32 -0.52 -9.83
C GLN C 104 20.13 -0.10 -11.29
N LEU C 105 20.41 1.15 -11.62
CA LEU C 105 20.30 1.61 -13.02
C LEU C 105 21.19 0.72 -13.91
N SER C 106 22.27 0.16 -13.34
CA SER C 106 23.15 -0.71 -14.13
C SER C 106 22.42 -1.97 -14.63
N SER C 107 21.21 -2.20 -14.13
CA SER C 107 20.43 -3.36 -14.54
C SER C 107 19.17 -2.95 -15.33
N ALA C 108 19.03 -1.68 -15.69
CA ALA C 108 17.86 -1.19 -16.42
C ALA C 108 17.59 -1.89 -17.73
N PRO C 109 16.31 -1.89 -18.16
CA PRO C 109 15.94 -2.51 -19.44
C PRO C 109 16.69 -1.78 -20.56
N GLU C 110 17.10 -2.50 -21.58
CA GLU C 110 17.86 -1.89 -22.67
C GLU C 110 17.14 -0.72 -23.35
N ALA C 111 15.82 -0.75 -23.38
CA ALA C 111 15.11 0.35 -24.00
C ALA C 111 15.44 1.71 -23.32
N LEU C 112 15.89 1.68 -22.08
CA LEU C 112 16.23 2.93 -21.41
C LEU C 112 17.71 3.27 -21.46
N ASN C 113 18.50 2.46 -22.19
CA ASN C 113 19.92 2.73 -22.21
C ASN C 113 20.31 4.13 -22.65
N SER C 114 19.80 4.59 -23.79
CA SER C 114 20.23 5.90 -24.23
C SER C 114 19.74 7.04 -23.32
N GLU C 115 18.48 7.00 -22.87
CA GLU C 115 18.04 8.06 -21.97
C GLU C 115 18.92 8.04 -20.70
N ILE C 116 19.17 6.87 -20.09
CA ILE C 116 20.01 6.86 -18.87
C ILE C 116 21.42 7.37 -19.19
N LYS C 117 21.96 7.00 -20.34
CA LYS C 117 23.30 7.48 -20.66
C LYS C 117 23.34 9.00 -20.71
N HIS C 118 22.32 9.63 -21.32
CA HIS C 118 22.24 11.09 -21.36
C HIS C 118 22.07 11.71 -19.97
N HIS C 119 21.21 11.12 -19.12
CA HIS C 119 21.10 11.65 -17.75
C HIS C 119 22.48 11.63 -17.00
N LEU C 120 23.21 10.52 -17.13
CA LEU C 120 24.52 10.35 -16.49
C LEU C 120 25.49 11.43 -16.95
N GLN C 121 25.47 11.75 -18.25
CA GLN C 121 26.39 12.77 -18.72
C GLN C 121 26.02 14.07 -18.04
N GLU C 122 24.71 14.36 -17.93
CA GLU C 122 24.30 15.60 -17.31
C GLU C 122 24.67 15.73 -15.84
N ILE C 123 24.47 14.65 -15.09
CA ILE C 123 24.77 14.73 -13.67
C ILE C 123 26.29 14.75 -13.48
N ASN C 124 27.05 14.08 -14.36
CA ASN C 124 28.49 14.10 -14.18
C ASN C 124 29.02 15.52 -14.37
N THR C 125 28.44 16.24 -15.32
CA THR C 125 28.83 17.60 -15.62
C THR C 125 28.42 18.54 -14.49
N THR C 126 27.21 18.35 -13.98
CA THR C 126 26.71 19.20 -12.91
C THR C 126 27.55 19.01 -11.64
N LEU C 127 27.81 17.76 -11.28
CA LEU C 127 28.63 17.48 -10.10
C LEU C 127 30.04 18.11 -10.28
N HIS C 128 30.67 17.88 -11.41
CA HIS C 128 31.99 18.42 -11.67
C HIS C 128 32.07 19.93 -11.49
N ASP C 129 31.12 20.66 -12.06
CA ASP C 129 31.12 22.12 -11.98
C ASP C 129 30.86 22.62 -10.55
N GLU C 130 29.95 21.94 -9.87
CA GLU C 130 29.62 22.28 -8.50
C GLU C 130 30.78 21.98 -7.53
N LEU C 131 31.47 20.83 -7.70
CA LEU C 131 32.57 20.47 -6.81
C LEU C 131 33.80 21.34 -6.99
N ILE C 132 34.03 21.76 -8.21
CA ILE C 132 35.18 22.60 -8.49
C ILE C 132 35.07 23.89 -7.66
N LYS C 133 33.84 24.28 -7.31
CA LYS C 133 33.64 25.49 -6.54
C LYS C 133 34.30 25.43 -5.18
N TYR C 134 34.47 24.22 -4.64
CA TYR C 134 35.10 24.05 -3.33
C TYR C 134 36.62 24.06 -3.43
N TYR C 135 37.13 24.04 -4.64
CA TYR C 135 38.56 24.01 -4.83
C TYR C 135 39.21 25.38 -4.68
N ASP C 136 40.09 25.48 -3.69
CA ASP C 136 40.83 26.70 -3.43
C ASP C 136 42.27 26.27 -3.16
N PRO C 137 43.17 26.50 -4.12
CA PRO C 137 44.56 26.09 -3.91
C PRO C 137 45.21 26.62 -2.62
N THR C 138 44.61 27.62 -2.01
CA THR C 138 45.14 28.18 -0.77
C THR C 138 44.92 27.25 0.40
N HIS C 139 43.80 26.52 0.40
CA HIS C 139 43.52 25.63 1.51
C HIS C 139 43.61 24.15 1.19
N ILE C 140 43.71 23.81 -0.10
CA ILE C 140 43.77 22.42 -0.53
C ILE C 140 45.12 22.06 -1.17
N ALA C 141 45.82 21.09 -0.58
CA ALA C 141 47.11 20.66 -1.09
C ALA C 141 47.03 20.16 -2.55
N LEU C 142 46.23 19.10 -2.76
CA LEU C 142 46.01 18.45 -4.05
C LEU C 142 45.75 19.37 -5.23
N ASP C 143 46.02 18.82 -6.42
CA ASP C 143 45.76 19.46 -7.70
C ASP C 143 44.24 19.39 -7.76
N LYS C 144 43.61 20.27 -8.53
CA LYS C 144 42.16 20.29 -8.61
C LYS C 144 41.60 18.97 -9.16
N GLU C 145 42.33 18.28 -10.04
CA GLU C 145 41.77 17.03 -10.54
C GLU C 145 41.86 15.94 -9.51
N ASP C 146 42.93 15.93 -8.72
CA ASP C 146 43.06 14.93 -7.68
C ASP C 146 41.97 15.23 -6.66
N PHE C 147 41.71 16.52 -6.46
CA PHE C 147 40.70 16.94 -5.49
C PHE C 147 39.32 16.47 -5.93
N ILE C 148 38.94 16.75 -7.18
CA ILE C 148 37.61 16.31 -7.62
C ILE C 148 37.50 14.76 -7.54
N ASN C 149 38.54 14.06 -7.99
CA ASN C 149 38.49 12.60 -7.98
C ASN C 149 38.34 12.01 -6.59
N LEU C 150 39.01 12.61 -5.58
CA LEU C 150 38.85 12.17 -4.19
C LEU C 150 37.39 12.27 -3.74
N ILE C 151 36.76 13.42 -3.96
CA ILE C 151 35.38 13.62 -3.55
C ILE C 151 34.47 12.63 -4.29
N LEU C 152 34.70 12.42 -5.59
CA LEU C 152 33.85 11.46 -6.32
C LEU C 152 33.99 10.05 -5.73
N LEU C 153 35.20 9.72 -5.29
CA LEU C 153 35.46 8.43 -4.62
C LEU C 153 34.53 8.34 -3.40
N PHE C 154 34.49 9.39 -2.57
CA PHE C 154 33.64 9.35 -1.38
C PHE C 154 32.19 9.15 -1.75
N LEU C 155 31.70 9.93 -2.70
CA LEU C 155 30.30 9.85 -3.08
C LEU C 155 29.92 8.48 -3.67
N GLU C 156 30.72 7.98 -4.61
CA GLU C 156 30.39 6.69 -5.22
C GLU C 156 30.53 5.53 -4.25
N THR C 157 31.51 5.60 -3.35
CA THR C 157 31.62 4.52 -2.37
C THR C 157 30.37 4.52 -1.48
N TRP C 158 29.86 5.71 -1.15
CA TRP C 158 28.66 5.75 -0.32
C TRP C 158 27.46 5.14 -1.07
N TYR C 159 27.33 5.36 -2.39
CA TYR C 159 26.21 4.73 -3.08
C TYR C 159 26.33 3.23 -2.90
N PHE C 160 27.54 2.72 -3.04
CA PHE C 160 27.74 1.27 -2.91
C PHE C 160 27.42 0.82 -1.48
N ARG C 161 28.03 1.46 -0.48
CA ARG C 161 27.80 1.03 0.91
C ARG C 161 26.43 1.20 1.44
N ALA C 162 25.77 2.28 1.04
CA ALA C 162 24.41 2.53 1.53
C ALA C 162 23.46 1.50 0.93
N SER C 163 23.69 1.15 -0.34
CA SER C 163 22.77 0.24 -0.96
C SER C 163 22.86 -1.13 -0.26
N PHE C 164 24.04 -1.54 0.17
CA PHE C 164 24.20 -2.80 0.88
C PHE C 164 23.71 -2.67 2.32
N SER C 165 24.11 -1.60 3.01
CA SER C 165 23.71 -1.43 4.39
C SER C 165 22.21 -1.43 4.61
N GLN C 166 21.45 -0.78 3.74
CA GLN C 166 20.02 -0.77 3.98
C GLN C 166 19.37 -2.13 3.80
N LYS C 167 20.05 -3.04 3.13
CA LYS C 167 19.44 -4.35 2.93
C LYS C 167 19.96 -5.35 3.94
N PHE C 168 21.25 -5.31 4.18
CA PHE C 168 21.90 -6.27 5.05
C PHE C 168 22.35 -5.77 6.42
N GLY C 169 22.30 -4.47 6.65
CA GLY C 169 22.83 -3.98 7.91
C GLY C 169 22.02 -2.93 8.59
N ILE C 170 22.70 -2.15 9.42
CA ILE C 170 22.05 -1.06 10.16
C ILE C 170 22.53 0.22 9.49
N ILE C 171 21.65 0.88 8.75
CA ILE C 171 22.05 2.08 8.01
C ILE C 171 22.56 3.21 8.93
N GLU C 172 21.96 3.37 10.11
CA GLU C 172 22.48 4.44 10.99
C GLU C 172 23.92 4.17 11.31
N ASP C 173 24.25 2.90 11.53
CA ASP C 173 25.64 2.58 11.84
C ASP C 173 26.56 2.79 10.64
N SER C 174 26.09 2.47 9.44
CA SER C 174 26.94 2.67 8.26
C SER C 174 27.20 4.14 8.03
N LYS C 175 26.17 4.96 8.26
CA LYS C 175 26.32 6.42 8.05
C LYS C 175 27.40 6.98 8.95
N ASN C 176 27.35 6.58 10.23
CA ASN C 176 28.35 7.04 11.20
C ASN C 176 29.72 6.54 10.87
N ARG C 177 29.82 5.24 10.62
CA ARG C 177 31.14 4.71 10.26
C ARG C 177 31.70 5.36 9.01
N PHE C 178 30.88 5.48 7.94
CA PHE C 178 31.44 6.06 6.72
C PHE C 178 31.82 7.52 6.91
N LYS C 179 30.96 8.30 7.56
CA LYS C 179 31.33 9.69 7.77
C LYS C 179 32.67 9.80 8.51
N ASP C 180 32.87 8.97 9.54
CA ASP C 180 34.13 8.99 10.31
C ASP C 180 35.29 8.69 9.35
N GLN C 181 35.12 7.68 8.51
CA GLN C 181 36.21 7.33 7.57
C GLN C 181 36.52 8.46 6.60
N VAL C 182 35.47 9.05 6.06
CA VAL C 182 35.61 10.17 5.10
C VAL C 182 36.25 11.40 5.73
N TYR C 183 35.78 11.80 6.90
CA TYR C 183 36.43 12.94 7.57
C TYR C 183 37.89 12.63 7.83
N SER C 184 38.17 11.42 8.30
CA SER C 184 39.57 11.11 8.57
C SER C 184 40.43 11.18 7.34
N LEU C 185 39.95 10.74 6.17
CA LEU C 185 40.82 10.80 4.98
C LEU C 185 40.87 12.20 4.41
N LEU C 186 39.76 12.93 4.50
CA LEU C 186 39.74 14.28 3.96
C LEU C 186 40.79 15.10 4.74
N ASN C 187 40.91 14.84 6.04
CA ASN C 187 41.85 15.56 6.85
C ASN C 187 43.30 15.35 6.40
N VAL C 188 43.68 14.11 6.04
CA VAL C 188 45.07 13.86 5.59
C VAL C 188 45.33 14.33 4.19
N PHE C 189 44.29 14.37 3.34
CA PHE C 189 44.51 14.82 1.98
C PHE C 189 44.58 16.34 1.90
N LEU C 190 43.80 17.05 2.72
CA LEU C 190 43.79 18.51 2.70
C LEU C 190 44.98 19.16 3.33
N MET D 8 29.70 -30.37 -15.77
CA MET D 8 28.25 -30.25 -16.08
C MET D 8 27.64 -29.40 -14.99
N LYS D 9 27.96 -29.77 -13.76
CA LYS D 9 27.49 -29.03 -12.63
C LYS D 9 28.13 -27.64 -12.76
N ASP D 10 29.35 -27.64 -13.26
CA ASP D 10 30.11 -26.41 -13.41
C ASP D 10 29.55 -25.59 -14.53
N LYS D 11 29.09 -26.28 -15.58
CA LYS D 11 28.54 -25.63 -16.76
C LYS D 11 27.28 -24.90 -16.38
N ILE D 12 26.41 -25.57 -15.66
CA ILE D 12 25.17 -24.97 -15.26
C ILE D 12 25.44 -23.68 -14.46
N ILE D 13 26.33 -23.72 -13.48
CA ILE D 13 26.57 -22.52 -12.66
C ILE D 13 27.29 -21.44 -13.48
N ASP D 14 28.29 -21.84 -14.27
CA ASP D 14 28.96 -20.82 -15.10
C ASP D 14 27.96 -20.11 -16.00
N ASN D 15 27.02 -20.85 -16.60
CA ASN D 15 26.02 -20.26 -17.47
C ASN D 15 25.00 -19.44 -16.70
N ALA D 16 24.61 -19.93 -15.54
CA ALA D 16 23.62 -19.18 -14.75
C ALA D 16 24.25 -17.85 -14.26
N ILE D 17 25.52 -17.84 -13.90
CA ILE D 17 26.12 -16.60 -13.46
C ILE D 17 26.03 -15.57 -14.61
N THR D 18 26.34 -16.02 -15.82
CA THR D 18 26.28 -15.13 -16.99
C THR D 18 24.87 -14.59 -17.18
N LEU D 19 23.86 -15.47 -17.14
CA LEU D 19 22.47 -15.03 -17.29
C LEU D 19 21.96 -14.15 -16.13
N PHE D 20 22.26 -14.55 -14.89
CA PHE D 20 21.84 -13.75 -13.75
C PHE D 20 22.54 -12.36 -13.79
N SER D 21 23.82 -12.28 -14.17
CA SER D 21 24.48 -10.96 -14.25
C SER D 21 23.81 -10.07 -15.30
N GLU D 22 23.45 -10.66 -16.44
CA GLU D 22 22.79 -9.98 -17.55
C GLU D 22 21.30 -9.65 -17.39
N LYS D 23 20.53 -10.62 -16.95
CA LYS D 23 19.07 -10.49 -16.83
C LYS D 23 18.54 -10.27 -15.45
N GLY D 24 19.35 -10.57 -14.46
CA GLY D 24 18.86 -10.43 -13.10
C GLY D 24 18.22 -11.73 -12.67
N TYR D 25 18.08 -11.88 -11.36
CA TYR D 25 17.48 -13.08 -10.82
C TYR D 25 16.06 -13.24 -11.34
N ASP D 26 15.25 -12.21 -11.17
CA ASP D 26 13.88 -12.31 -11.62
C ASP D 26 13.69 -12.38 -13.14
N GLY D 27 14.62 -11.80 -13.87
CA GLY D 27 14.48 -11.81 -15.32
C GLY D 27 15.02 -13.06 -15.98
N THR D 28 15.68 -13.92 -15.21
CA THR D 28 16.26 -15.17 -15.77
C THR D 28 15.28 -16.34 -15.47
N THR D 29 15.08 -17.24 -16.44
CA THR D 29 14.17 -18.38 -16.23
C THR D 29 14.97 -19.69 -16.22
N LEU D 30 14.36 -20.77 -15.76
CA LEU D 30 15.06 -22.06 -15.75
C LEU D 30 15.17 -22.54 -17.22
N ASP D 31 14.23 -22.12 -18.02
CA ASP D 31 14.23 -22.43 -19.44
C ASP D 31 15.51 -21.82 -20.06
N ASP D 32 15.86 -20.57 -19.67
CA ASP D 32 17.07 -19.91 -20.22
C ASP D 32 18.30 -20.65 -19.82
N ILE D 33 18.40 -21.00 -18.54
CA ILE D 33 19.59 -21.66 -18.04
C ILE D 33 19.78 -23.00 -18.74
N SER D 34 18.68 -23.76 -18.86
CA SER D 34 18.81 -25.08 -19.52
C SER D 34 19.12 -24.95 -21.02
N LYS D 35 18.48 -24.02 -21.70
CA LYS D 35 18.78 -23.81 -23.13
C LYS D 35 20.25 -23.38 -23.31
N SER D 36 20.77 -22.54 -22.42
CA SER D 36 22.16 -22.09 -22.56
C SER D 36 23.13 -23.22 -22.38
N VAL D 37 22.78 -24.24 -21.62
CA VAL D 37 23.73 -25.35 -21.42
C VAL D 37 23.41 -26.55 -22.32
N ASN D 38 22.31 -26.43 -23.05
CA ASN D 38 21.81 -27.44 -23.96
C ASN D 38 21.36 -28.74 -23.24
N ILE D 39 20.54 -28.61 -22.21
CA ILE D 39 20.01 -29.79 -21.55
C ILE D 39 18.56 -29.46 -21.33
N LYS D 40 17.78 -30.49 -21.02
CA LYS D 40 16.35 -30.31 -20.75
C LYS D 40 16.26 -29.67 -19.40
N LYS D 41 15.22 -28.89 -19.21
CA LYS D 41 14.95 -28.24 -17.95
C LYS D 41 14.85 -29.27 -16.81
N ALA D 42 14.39 -30.48 -17.10
CA ALA D 42 14.29 -31.50 -16.06
C ALA D 42 15.63 -31.86 -15.48
N SER D 43 16.67 -31.77 -16.28
CA SER D 43 17.98 -32.14 -15.77
C SER D 43 18.53 -31.19 -14.74
N LEU D 44 17.91 -30.01 -14.60
CA LEU D 44 18.39 -29.07 -13.58
C LEU D 44 18.05 -29.54 -12.18
N TYR D 45 17.11 -30.49 -12.06
CA TYR D 45 16.66 -30.92 -10.73
C TYR D 45 17.46 -31.95 -9.92
N TYR D 46 18.65 -32.28 -10.39
CA TYR D 46 19.56 -33.18 -9.68
C TYR D 46 20.27 -32.45 -8.55
N HIS D 47 21.02 -31.40 -8.90
CA HIS D 47 21.73 -30.62 -7.87
C HIS D 47 20.92 -29.45 -7.28
N TYR D 48 19.79 -29.08 -7.88
CA TYR D 48 18.98 -27.94 -7.43
C TYR D 48 17.52 -28.26 -7.33
N ASP D 49 16.79 -27.55 -6.48
CA ASP D 49 15.36 -27.80 -6.39
C ASP D 49 14.53 -26.74 -7.04
N ASN D 50 15.12 -25.56 -7.26
CA ASN D 50 14.36 -24.47 -7.87
C ASN D 50 15.35 -23.38 -8.31
N LYS D 51 14.83 -22.33 -8.92
CA LYS D 51 15.73 -21.28 -9.44
C LYS D 51 16.44 -20.59 -8.32
N GLU D 52 15.75 -20.41 -7.19
CA GLU D 52 16.40 -19.74 -6.05
C GLU D 52 17.65 -20.46 -5.64
N GLU D 53 17.59 -21.80 -5.60
CA GLU D 53 18.76 -22.58 -5.24
C GLU D 53 19.92 -22.44 -6.23
N ILE D 54 19.62 -22.30 -7.52
CA ILE D 54 20.69 -22.13 -8.51
C ILE D 54 21.30 -20.74 -8.27
N TYR D 55 20.48 -19.78 -7.91
CA TYR D 55 20.99 -18.41 -7.67
C TYR D 55 21.84 -18.44 -6.41
N ARG D 56 21.36 -19.11 -5.37
CA ARG D 56 22.17 -19.23 -4.15
C ARG D 56 23.57 -19.80 -4.44
N LYS D 57 23.65 -20.87 -5.24
CA LYS D 57 24.95 -21.45 -5.55
C LYS D 57 25.75 -20.50 -6.45
N SER D 58 25.07 -19.73 -7.31
CA SER D 58 25.85 -18.80 -8.16
C SER D 58 26.50 -17.70 -7.28
N VAL D 59 25.73 -17.22 -6.30
CA VAL D 59 26.24 -16.20 -5.37
C VAL D 59 27.41 -16.79 -4.59
N GLU D 60 27.27 -18.03 -4.14
CA GLU D 60 28.37 -18.68 -3.42
C GLU D 60 29.62 -18.72 -4.31
N ASN D 61 29.43 -19.12 -5.56
CA ASN D 61 30.54 -19.21 -6.52
C ASN D 61 31.21 -17.82 -6.73
N CYS D 62 30.38 -16.79 -6.76
CA CYS D 62 30.87 -15.41 -6.94
C CYS D 62 31.75 -15.01 -5.75
N PHE D 63 31.30 -15.24 -4.52
CA PHE D 63 32.14 -14.85 -3.40
C PHE D 63 33.44 -15.63 -3.36
N ASN D 64 33.39 -16.92 -3.68
CA ASN D 64 34.62 -17.74 -3.71
C ASN D 64 35.57 -17.21 -4.79
N TYR D 65 35.01 -16.80 -5.92
CA TYR D 65 35.84 -16.22 -6.97
C TYR D 65 36.54 -14.94 -6.43
N PHE D 66 35.80 -14.05 -5.78
CA PHE D 66 36.43 -12.84 -5.26
C PHE D 66 37.42 -13.17 -4.14
N ILE D 67 37.11 -14.11 -3.26
CA ILE D 67 38.12 -14.41 -2.23
C ILE D 67 39.41 -14.96 -2.86
N ASP D 68 39.28 -15.96 -3.73
CA ASP D 68 40.46 -16.51 -4.39
C ASP D 68 41.21 -15.42 -5.15
N PHE D 69 40.49 -14.50 -5.76
CA PHE D 69 41.14 -13.43 -6.54
C PHE D 69 41.94 -12.49 -5.63
N LEU D 70 41.31 -12.09 -4.54
CA LEU D 70 41.94 -11.17 -3.58
C LEU D 70 43.18 -11.78 -2.97
N LEU D 71 43.14 -13.09 -2.76
CA LEU D 71 44.26 -13.83 -2.17
C LEU D 71 45.35 -14.24 -3.19
N ARG D 72 45.05 -14.15 -4.48
CA ARG D 72 46.04 -14.52 -5.49
C ARG D 72 47.17 -13.49 -5.59
N ASN D 73 48.39 -13.96 -5.42
CA ASN D 73 49.56 -13.10 -5.52
C ASN D 73 50.67 -14.06 -5.99
N HIS D 74 50.77 -14.23 -7.30
CA HIS D 74 51.73 -15.16 -7.89
C HIS D 74 53.10 -15.16 -7.24
N ASP D 75 53.73 -13.99 -7.20
CA ASP D 75 55.06 -13.84 -6.61
C ASP D 75 55.13 -13.58 -5.11
N ASP D 76 54.00 -13.55 -4.42
CA ASP D 76 53.97 -13.22 -2.99
C ASP D 76 54.70 -11.86 -2.81
N ASN D 77 54.45 -10.92 -3.72
CA ASN D 77 55.08 -9.60 -3.67
C ASN D 77 54.21 -8.66 -2.83
N TYR D 78 54.62 -8.38 -1.59
CA TYR D 78 53.81 -7.50 -0.76
C TYR D 78 54.43 -6.14 -0.61
N SER D 79 55.33 -5.80 -1.52
CA SER D 79 55.99 -4.51 -1.53
C SER D 79 55.07 -3.46 -2.12
N ILE D 80 55.54 -2.22 -2.23
CA ILE D 80 54.68 -1.19 -2.79
C ILE D 80 54.43 -1.49 -4.25
N ASP D 81 55.43 -2.00 -4.96
CA ASP D 81 55.16 -2.36 -6.35
C ASP D 81 54.07 -3.43 -6.33
N GLY D 82 54.11 -4.29 -5.33
CA GLY D 82 53.13 -5.34 -5.19
C GLY D 82 51.74 -4.74 -4.99
N LEU D 83 51.65 -3.66 -4.21
CA LEU D 83 50.35 -3.03 -4.00
C LEU D 83 49.80 -2.42 -5.30
N TYR D 84 50.64 -1.80 -6.11
CA TYR D 84 50.14 -1.24 -7.35
C TYR D 84 49.64 -2.32 -8.32
N GLN D 85 50.32 -3.47 -8.33
CA GLN D 85 49.95 -4.60 -9.17
C GLN D 85 48.62 -5.18 -8.70
N PHE D 86 48.42 -5.26 -7.39
CA PHE D 86 47.17 -5.77 -6.83
C PHE D 86 46.00 -4.90 -7.34
N LEU D 87 46.18 -3.58 -7.32
CA LEU D 87 45.14 -2.65 -7.76
C LEU D 87 44.93 -2.77 -9.26
N PHE D 88 46.03 -2.89 -10.00
CA PHE D 88 45.96 -3.07 -11.46
C PHE D 88 45.17 -4.33 -11.81
N LYS D 89 45.50 -5.44 -11.17
CA LYS D 89 44.81 -6.69 -11.47
C LYS D 89 43.30 -6.61 -11.09
N PHE D 90 43.00 -5.98 -9.96
CA PHE D 90 41.57 -5.89 -9.56
C PHE D 90 40.79 -5.10 -10.61
N ILE D 91 41.35 -3.99 -11.05
CA ILE D 91 40.65 -3.18 -12.04
C ILE D 91 40.53 -3.84 -13.41
N PHE D 92 41.64 -4.40 -13.89
CA PHE D 92 41.65 -4.93 -15.24
C PHE D 92 41.23 -6.35 -15.41
N ASP D 93 41.53 -7.18 -14.42
CA ASP D 93 41.30 -8.60 -14.55
C ASP D 93 40.07 -9.21 -13.90
N VAL D 94 39.41 -8.50 -12.98
CA VAL D 94 38.21 -9.04 -12.37
C VAL D 94 37.15 -9.15 -13.47
N ASP D 95 36.51 -10.32 -13.57
CA ASP D 95 35.48 -10.58 -14.59
C ASP D 95 34.25 -9.69 -14.33
N GLU D 96 33.83 -8.96 -15.36
CA GLU D 96 32.70 -8.07 -15.29
C GLU D 96 31.38 -8.78 -14.89
N ARG D 97 31.19 -10.04 -15.27
CA ARG D 97 29.92 -10.66 -14.86
C ARG D 97 29.88 -10.82 -13.33
N TYR D 98 31.03 -11.05 -12.71
CA TYR D 98 31.03 -11.21 -11.26
C TYR D 98 30.78 -9.88 -10.55
N ILE D 99 31.34 -8.82 -11.11
CA ILE D 99 31.12 -7.48 -10.55
C ILE D 99 29.62 -7.21 -10.64
N LYS D 100 29.06 -7.43 -11.83
CA LYS D 100 27.64 -7.16 -11.95
C LYS D 100 26.78 -8.00 -11.00
N LEU D 101 27.10 -9.29 -10.87
CA LEU D 101 26.32 -10.15 -9.96
C LEU D 101 26.40 -9.62 -8.52
N TYR D 102 27.59 -9.19 -8.13
CA TYR D 102 27.88 -8.66 -6.81
C TYR D 102 27.01 -7.43 -6.56
N VAL D 103 27.06 -6.47 -7.46
CA VAL D 103 26.25 -5.27 -7.26
C VAL D 103 24.75 -5.55 -7.18
N GLN D 104 24.29 -6.58 -7.88
CA GLN D 104 22.86 -6.92 -7.84
C GLN D 104 22.41 -7.62 -6.58
N LEU D 105 23.34 -7.95 -5.70
CA LEU D 105 22.97 -8.61 -4.45
C LEU D 105 22.04 -7.75 -3.61
N SER D 106 22.14 -6.44 -3.77
CA SER D 106 21.30 -5.56 -2.97
C SER D 106 19.81 -5.73 -3.28
N SER D 107 19.47 -6.39 -4.38
CA SER D 107 18.03 -6.60 -4.67
C SER D 107 17.66 -8.10 -4.65
N ALA D 108 18.47 -8.90 -3.98
CA ALA D 108 18.23 -10.34 -3.90
C ALA D 108 17.01 -10.62 -3.02
N PRO D 109 16.41 -11.82 -3.15
CA PRO D 109 15.24 -12.28 -2.40
C PRO D 109 15.59 -12.43 -0.89
N GLU D 110 14.69 -11.95 -0.03
CA GLU D 110 14.89 -11.99 1.43
C GLU D 110 15.37 -13.31 2.04
N ALA D 111 14.86 -14.42 1.51
CA ALA D 111 15.24 -15.74 2.00
C ALA D 111 16.76 -15.91 2.11
N LEU D 112 17.50 -15.15 1.29
CA LEU D 112 18.95 -15.24 1.25
C LEU D 112 19.70 -14.16 2.06
N ASN D 113 18.98 -13.30 2.77
CA ASN D 113 19.63 -12.24 3.54
C ASN D 113 20.80 -12.68 4.41
N SER D 114 20.56 -13.61 5.32
CA SER D 114 21.65 -13.95 6.22
C SER D 114 22.78 -14.69 5.55
N GLU D 115 22.48 -15.52 4.55
CA GLU D 115 23.56 -16.23 3.90
C GLU D 115 24.43 -15.20 3.17
N ILE D 116 23.83 -14.19 2.54
CA ILE D 116 24.65 -13.18 1.88
C ILE D 116 25.40 -12.36 2.93
N LYS D 117 24.71 -11.96 4.00
CA LYS D 117 25.42 -11.20 5.04
C LYS D 117 26.65 -12.01 5.50
N HIS D 118 26.48 -13.31 5.71
CA HIS D 118 27.62 -14.12 6.15
C HIS D 118 28.79 -14.10 5.13
N HIS D 119 28.51 -14.14 3.83
CA HIS D 119 29.62 -14.11 2.87
C HIS D 119 30.29 -12.70 2.89
N LEU D 120 29.46 -11.69 3.05
CA LEU D 120 29.94 -10.30 3.10
C LEU D 120 30.89 -10.12 4.30
N GLN D 121 30.56 -10.73 5.43
CA GLN D 121 31.45 -10.63 6.59
C GLN D 121 32.77 -11.34 6.25
N GLU D 122 32.70 -12.49 5.59
CA GLU D 122 33.90 -13.24 5.23
C GLU D 122 34.81 -12.49 4.28
N ILE D 123 34.23 -11.85 3.28
CA ILE D 123 35.07 -11.14 2.35
C ILE D 123 35.69 -9.87 2.99
N ASN D 124 34.99 -9.26 3.95
CA ASN D 124 35.54 -8.07 4.63
C ASN D 124 36.79 -8.46 5.43
N THR D 125 36.64 -9.50 6.23
CA THR D 125 37.73 -10.01 7.04
C THR D 125 38.92 -10.43 6.18
N THR D 126 38.64 -11.13 5.09
CA THR D 126 39.68 -11.55 4.17
C THR D 126 40.36 -10.35 3.56
N LEU D 127 39.58 -9.37 3.14
CA LEU D 127 40.14 -8.15 2.53
C LEU D 127 41.04 -7.44 3.59
N HIS D 128 40.50 -7.25 4.78
CA HIS D 128 41.25 -6.62 5.86
C HIS D 128 42.62 -7.31 6.10
N ASP D 129 42.63 -8.62 6.28
CA ASP D 129 43.90 -9.30 6.52
C ASP D 129 44.84 -9.32 5.34
N GLU D 130 44.34 -9.32 4.12
CA GLU D 130 45.23 -9.30 2.97
C GLU D 130 45.88 -7.89 2.78
N LEU D 131 45.09 -6.83 2.94
CA LEU D 131 45.61 -5.47 2.75
C LEU D 131 46.66 -5.09 3.75
N ILE D 132 46.49 -5.54 4.99
CA ILE D 132 47.44 -5.27 6.05
C ILE D 132 48.82 -5.76 5.64
N LYS D 133 48.84 -6.81 4.81
CA LYS D 133 50.11 -7.36 4.34
C LYS D 133 50.94 -6.36 3.54
N TYR D 134 50.26 -5.41 2.88
CA TYR D 134 50.95 -4.40 2.11
C TYR D 134 51.33 -3.15 2.92
N TYR D 135 50.81 -3.05 4.14
CA TYR D 135 51.12 -1.87 4.91
C TYR D 135 52.55 -1.88 5.41
N ASP D 136 53.27 -0.82 5.10
CA ASP D 136 54.64 -0.66 5.53
C ASP D 136 54.77 0.84 5.84
N PRO D 137 54.72 1.19 7.13
CA PRO D 137 54.84 2.61 7.47
C PRO D 137 56.09 3.34 6.95
N THR D 138 57.09 2.60 6.50
CA THR D 138 58.30 3.24 6.01
C THR D 138 58.08 3.84 4.62
N HIS D 139 57.16 3.25 3.84
CA HIS D 139 56.89 3.79 2.51
C HIS D 139 55.51 4.45 2.35
N ILE D 140 54.65 4.34 3.35
CA ILE D 140 53.32 4.91 3.23
C ILE D 140 53.08 5.94 4.33
N ALA D 141 52.92 7.21 3.93
CA ALA D 141 52.70 8.30 4.90
C ALA D 141 51.27 8.43 5.42
N LEU D 142 50.69 7.32 5.90
CA LEU D 142 49.33 7.23 6.48
C LEU D 142 49.35 6.19 7.56
N ASP D 143 48.43 6.32 8.52
CA ASP D 143 48.33 5.31 9.58
C ASP D 143 47.66 4.08 8.95
N LYS D 144 47.63 2.97 9.69
CA LYS D 144 47.07 1.70 9.22
C LYS D 144 45.61 1.78 8.77
N GLU D 145 44.76 2.22 9.68
CA GLU D 145 43.34 2.39 9.41
C GLU D 145 43.03 3.23 8.18
N ASP D 146 43.71 4.38 8.03
CA ASP D 146 43.45 5.24 6.88
C ASP D 146 43.93 4.56 5.61
N PHE D 147 45.04 3.83 5.70
CA PHE D 147 45.57 3.11 4.53
C PHE D 147 44.54 2.08 4.03
N ILE D 148 44.06 1.27 4.96
CA ILE D 148 43.09 0.24 4.66
C ILE D 148 41.83 0.88 4.08
N ASN D 149 41.34 1.92 4.75
CA ASN D 149 40.13 2.60 4.28
C ASN D 149 40.27 3.19 2.88
N LEU D 150 41.43 3.80 2.58
CA LEU D 150 41.66 4.35 1.27
C LEU D 150 41.60 3.25 0.21
N ILE D 151 42.28 2.12 0.44
CA ILE D 151 42.30 1.02 -0.55
C ILE D 151 40.85 0.50 -0.75
N LEU D 152 40.11 0.43 0.34
CA LEU D 152 38.74 -0.07 0.23
C LEU D 152 37.88 0.91 -0.57
N LEU D 153 38.18 2.19 -0.48
CA LEU D 153 37.44 3.19 -1.29
C LEU D 153 37.72 2.90 -2.77
N PHE D 154 38.98 2.58 -3.13
CA PHE D 154 39.27 2.31 -4.56
C PHE D 154 38.50 1.06 -5.03
N LEU D 155 38.56 0.00 -4.23
CA LEU D 155 37.90 -1.25 -4.63
C LEU D 155 36.39 -1.09 -4.76
N GLU D 156 35.75 -0.44 -3.79
CA GLU D 156 34.30 -0.31 -3.88
C GLU D 156 33.89 0.63 -4.99
N THR D 157 34.65 1.71 -5.19
CA THR D 157 34.29 2.61 -6.26
C THR D 157 34.42 1.87 -7.60
N TRP D 158 35.35 0.93 -7.70
CA TRP D 158 35.49 0.22 -9.01
C TRP D 158 34.25 -0.63 -9.27
N TYR D 159 33.68 -1.25 -8.27
CA TYR D 159 32.46 -2.02 -8.50
C TYR D 159 31.42 -1.11 -9.17
N PHE D 160 31.29 0.05 -8.60
CA PHE D 160 30.33 1.03 -9.08
C PHE D 160 30.70 1.49 -10.48
N ARG D 161 31.90 2.03 -10.67
CA ARG D 161 32.29 2.51 -11.99
C ARG D 161 32.22 1.47 -13.08
N ALA D 162 32.72 0.27 -12.78
CA ALA D 162 32.74 -0.83 -13.75
C ALA D 162 31.31 -1.23 -14.16
N SER D 163 30.42 -1.29 -13.17
CA SER D 163 29.07 -1.68 -13.48
C SER D 163 28.45 -0.61 -14.39
N PHE D 164 28.64 0.67 -14.14
CA PHE D 164 28.06 1.68 -15.07
C PHE D 164 28.79 1.77 -16.41
N SER D 165 30.12 1.75 -16.39
CA SER D 165 30.86 1.86 -17.64
C SER D 165 30.55 0.70 -18.62
N GLN D 166 30.49 -0.53 -18.11
CA GLN D 166 30.20 -1.65 -18.98
C GLN D 166 28.82 -1.51 -19.63
N LYS D 167 27.87 -0.96 -18.88
CA LYS D 167 26.51 -0.80 -19.38
C LYS D 167 26.28 0.47 -20.22
N PHE D 168 26.83 1.59 -19.77
CA PHE D 168 26.59 2.88 -20.43
C PHE D 168 27.80 3.57 -21.07
N GLY D 169 28.99 3.00 -20.95
CA GLY D 169 30.16 3.62 -21.53
C GLY D 169 31.08 2.62 -22.21
N ILE D 170 32.40 2.85 -22.12
CA ILE D 170 33.39 1.99 -22.75
C ILE D 170 34.29 1.51 -21.63
N ILE D 171 34.22 0.23 -21.32
CA ILE D 171 34.94 -0.27 -20.18
C ILE D 171 36.45 -0.23 -20.28
N GLU D 172 36.99 -0.41 -21.49
CA GLU D 172 38.44 -0.34 -21.69
C GLU D 172 38.95 1.06 -21.24
N ASP D 173 38.26 2.11 -21.70
CA ASP D 173 38.57 3.51 -21.34
C ASP D 173 38.43 3.71 -19.81
N SER D 174 37.34 3.20 -19.21
CA SER D 174 37.19 3.32 -17.72
C SER D 174 38.26 2.66 -16.92
N LYS D 175 38.70 1.45 -17.29
CA LYS D 175 39.77 0.80 -16.55
C LYS D 175 41.02 1.69 -16.58
N ASN D 176 41.38 2.21 -17.75
CA ASN D 176 42.59 3.04 -17.80
C ASN D 176 42.49 4.34 -17.01
N ARG D 177 41.38 5.01 -17.21
CA ARG D 177 41.12 6.25 -16.51
C ARG D 177 41.07 6.06 -14.97
N PHE D 178 40.40 5.02 -14.48
CA PHE D 178 40.30 4.81 -13.02
C PHE D 178 41.65 4.43 -12.41
N LYS D 179 42.40 3.62 -13.15
CA LYS D 179 43.71 3.21 -12.66
C LYS D 179 44.59 4.47 -12.47
N ASP D 180 44.62 5.34 -13.45
CA ASP D 180 45.41 6.59 -13.34
C ASP D 180 44.93 7.43 -12.15
N GLN D 181 43.61 7.52 -11.97
CA GLN D 181 43.06 8.33 -10.86
C GLN D 181 43.47 7.82 -9.48
N VAL D 182 43.30 6.52 -9.32
CA VAL D 182 43.64 5.83 -8.06
C VAL D 182 45.17 5.93 -7.78
N TYR D 183 46.00 5.70 -8.81
CA TYR D 183 47.47 5.76 -8.62
C TYR D 183 47.90 7.17 -8.29
N SER D 184 47.20 8.14 -8.86
CA SER D 184 47.58 9.54 -8.58
C SER D 184 47.27 9.90 -7.12
N LEU D 185 46.13 9.46 -6.60
CA LEU D 185 45.79 9.73 -5.20
C LEU D 185 46.71 8.91 -4.29
N LEU D 186 46.97 7.67 -4.64
CA LEU D 186 47.84 6.85 -3.78
C LEU D 186 49.25 7.45 -3.77
N ASN D 187 49.72 7.94 -4.92
CA ASN D 187 51.07 8.52 -5.02
C ASN D 187 51.31 9.70 -4.00
N VAL D 188 50.24 10.40 -3.64
CA VAL D 188 50.31 11.51 -2.66
C VAL D 188 50.89 11.06 -1.32
N PHE D 189 50.72 9.79 -0.97
CA PHE D 189 51.23 9.28 0.31
C PHE D 189 52.46 8.38 0.19
N LEU D 190 52.97 8.24 -1.01
CA LEU D 190 54.13 7.38 -1.19
C LEU D 190 55.44 8.04 -0.82
N LYS D 191 56.22 7.29 -0.06
CA LYS D 191 57.56 7.74 0.34
C LYS D 191 58.54 6.70 -0.23
#